data_3GF4
#
_entry.id   3GF4
#
_cell.length_a   93.951
_cell.length_b   93.951
_cell.length_c   130.259
_cell.angle_alpha   90.00
_cell.angle_beta   90.00
_cell.angle_gamma   90.00
#
_symmetry.space_group_name_H-M   'P 41'
#
loop_
_entity.id
_entity.type
_entity.pdbx_description
1 polymer 'UDP-galactopyranose mutase'
2 non-polymer 'FLAVIN-ADENINE DINUCLEOTIDE'
3 non-polymer "URIDINE-5'-DIPHOSPHATE-GLUCOSE"
4 non-polymer "URIDINE-5'-MONOPHOSPHATE"
5 water water
#
_entity_poly.entity_id   1
_entity_poly.type   'polypeptide(L)'
_entity_poly.pdbx_seq_one_letter_code
;MKSKKILIVGAGFSGAVIGRQLAEKGHQVHIIDQRDHIGGNSYDARDSETNVMVHVYGPHIFHTDNETVWNYINKHAEMM
PYVNRVKATVNGQVFSLPINLHTINQFFSKTCSPDEARALIAEKGDSTIADPQTFEEQALRFIGKELYEAFFKGYTIKQW
GMQPSELPASILKRLPVRFNYDDNYFNHKFQGMPKCGYTQMIKSILNHENIKVDLQREFIVDERTHYDHVFYSGPLDAFY
GYQYGRLGYRTLDFKKFIYQGDYQGCAVMNYCSVDVPYTRITEHKYFSPWEQHDGSVCYKEYSRACEENDIPYYPIRQMG
EMALLEKYLSLAENETNITFVGRLGTYRYLDMDVTIAEALKTAEVYLNSLTDNQPMPVFTVSVGHHHHHH
;
_entity_poly.pdbx_strand_id   A,B
#
# COMPACT_ATOMS: atom_id res chain seq x y z
N LYS A 2 -21.07 38.97 -17.19
CA LYS A 2 -21.07 38.82 -18.69
C LYS A 2 -20.18 37.63 -19.16
N SER A 3 -20.72 36.87 -20.12
CA SER A 3 -20.11 35.61 -20.55
C SER A 3 -19.01 35.81 -21.61
N LYS A 4 -17.76 35.78 -21.14
CA LYS A 4 -16.57 35.89 -21.99
C LYS A 4 -16.35 34.65 -22.90
N LYS A 5 -15.80 34.92 -24.10
CA LYS A 5 -15.43 33.88 -25.06
C LYS A 5 -13.97 33.54 -24.81
N ILE A 6 -13.67 32.29 -24.47
CA ILE A 6 -12.31 31.89 -24.05
C ILE A 6 -11.74 30.80 -24.94
N LEU A 7 -10.54 31.00 -25.46
CA LEU A 7 -9.86 29.91 -26.16
C LEU A 7 -8.74 29.29 -25.31
N ILE A 8 -8.75 27.97 -25.24
CA ILE A 8 -7.70 27.26 -24.53
C ILE A 8 -6.97 26.34 -25.46
N VAL A 9 -5.65 26.50 -25.56
CA VAL A 9 -4.80 25.60 -26.39
C VAL A 9 -4.25 24.42 -25.55
N GLY A 10 -4.88 23.26 -25.72
CA GLY A 10 -4.44 21.97 -25.19
C GLY A 10 -5.49 21.35 -24.29
N ALA A 11 -5.78 20.06 -24.47
CA ALA A 11 -6.74 19.34 -23.65
C ALA A 11 -6.08 18.38 -22.62
N GLY A 12 -4.95 18.78 -22.06
CA GLY A 12 -4.36 18.00 -20.98
C GLY A 12 -4.94 18.56 -19.68
N PHE A 13 -4.30 18.30 -18.55
CA PHE A 13 -4.76 18.83 -17.28
C PHE A 13 -4.87 20.33 -17.28
N SER A 14 -3.83 21.02 -17.76
CA SER A 14 -3.85 22.48 -17.73
C SER A 14 -5.12 22.99 -18.40
N GLY A 15 -5.30 22.57 -19.65
CA GLY A 15 -6.43 23.06 -20.44
C GLY A 15 -7.75 22.63 -19.85
N ALA A 16 -7.87 21.35 -19.49
CA ALA A 16 -9.11 20.82 -18.99
C ALA A 16 -9.56 21.60 -17.76
N VAL A 17 -8.69 21.71 -16.77
CA VAL A 17 -9.04 22.32 -15.49
C VAL A 17 -9.35 23.80 -15.61
N ILE A 18 -8.57 24.52 -16.39
CA ILE A 18 -8.94 25.90 -16.57
C ILE A 18 -10.32 26.01 -17.26
N GLY A 19 -10.46 25.33 -18.39
CA GLY A 19 -11.74 25.24 -19.07
C GLY A 19 -12.88 24.98 -18.11
N ARG A 20 -12.75 23.94 -17.30
CA ARG A 20 -13.87 23.57 -16.44
C ARG A 20 -14.16 24.62 -15.35
N GLN A 21 -13.15 25.25 -14.79
CA GLN A 21 -13.44 26.25 -13.76
C GLN A 21 -14.28 27.42 -14.35
N LEU A 22 -14.06 27.74 -15.62
CA LEU A 22 -14.69 28.93 -16.17
C LEU A 22 -16.05 28.62 -16.77
N ALA A 23 -16.17 27.44 -17.37
CA ALA A 23 -17.44 26.99 -17.87
C ALA A 23 -18.44 27.13 -16.74
N GLU A 24 -18.09 26.60 -15.58
CA GLU A 24 -18.94 26.65 -14.38
C GLU A 24 -19.28 28.07 -13.94
N LYS A 25 -18.56 29.06 -14.47
CA LYS A 25 -18.92 30.47 -14.29
C LYS A 25 -19.52 31.08 -15.58
N GLY A 26 -20.26 30.23 -16.31
CA GLY A 26 -20.99 30.62 -17.51
C GLY A 26 -20.23 31.15 -18.71
N HIS A 27 -18.90 30.97 -18.74
CA HIS A 27 -18.11 31.42 -19.91
C HIS A 27 -18.11 30.41 -21.01
N GLN A 28 -17.94 30.88 -22.25
CA GLN A 28 -18.02 30.01 -23.42
C GLN A 28 -16.60 29.59 -23.72
N VAL A 29 -16.28 28.34 -23.41
CA VAL A 29 -14.90 27.91 -23.49
C VAL A 29 -14.64 26.99 -24.69
N HIS A 30 -13.71 27.44 -25.54
CA HIS A 30 -13.24 26.68 -26.69
C HIS A 30 -11.76 26.08 -26.54
N ILE A 31 -11.72 24.75 -26.42
CA ILE A 31 -10.50 23.99 -26.13
C ILE A 31 -10.13 23.25 -27.39
N ILE A 32 -8.99 23.59 -28.00
CA ILE A 32 -8.49 22.83 -29.15
C ILE A 32 -7.24 22.02 -28.74
N ASP A 33 -7.09 20.86 -29.33
CA ASP A 33 -5.85 20.17 -29.20
C ASP A 33 -5.40 19.71 -30.54
N GLN A 34 -4.09 19.81 -30.82
CA GLN A 34 -3.58 19.31 -32.09
C GLN A 34 -3.62 17.77 -32.24
N ARG A 35 -3.86 17.04 -31.17
CA ARG A 35 -3.87 15.58 -31.26
C ARG A 35 -5.27 15.08 -31.57
N ASP A 36 -5.43 13.80 -31.87
CA ASP A 36 -6.77 13.32 -32.16
C ASP A 36 -7.53 12.78 -30.94
N HIS A 37 -7.01 13.08 -29.75
CA HIS A 37 -7.64 12.69 -28.51
C HIS A 37 -7.21 13.63 -27.42
N ILE A 38 -7.98 13.64 -26.34
CA ILE A 38 -7.75 14.52 -25.22
C ILE A 38 -6.65 13.90 -24.35
N GLY A 39 -6.21 14.66 -23.33
CA GLY A 39 -5.52 14.07 -22.20
C GLY A 39 -4.10 14.52 -22.07
N GLY A 40 -3.57 15.18 -23.09
CA GLY A 40 -2.19 15.50 -23.14
C GLY A 40 -1.32 14.28 -22.88
N ASN A 41 -0.16 14.50 -22.26
CA ASN A 41 0.72 13.39 -22.01
C ASN A 41 0.26 12.53 -20.87
N SER A 42 -0.89 12.86 -20.29
CA SER A 42 -1.52 12.01 -19.29
C SER A 42 -2.38 10.91 -19.90
N TYR A 43 -2.47 10.92 -21.23
CA TYR A 43 -3.36 10.04 -21.97
C TYR A 43 -3.03 8.57 -21.80
N ASP A 44 -4.02 7.78 -21.39
CA ASP A 44 -3.92 6.32 -21.40
C ASP A 44 -5.01 5.72 -22.27
N ALA A 45 -4.79 4.52 -22.82
CA ALA A 45 -5.78 3.86 -23.66
C ALA A 45 -5.51 2.40 -23.60
N ARG A 46 -6.45 1.57 -24.05
CA ARG A 46 -6.28 0.14 -23.99
C ARG A 46 -5.68 -0.47 -25.23
N ASP A 47 -4.75 -1.38 -25.01
CA ASP A 47 -4.17 -2.15 -26.06
C ASP A 47 -5.23 -3.17 -26.57
N SER A 48 -5.35 -3.27 -27.90
CA SER A 48 -6.35 -4.20 -28.52
C SER A 48 -6.09 -5.60 -28.03
N GLU A 49 -4.87 -6.08 -28.28
CA GLU A 49 -4.59 -7.49 -28.06
C GLU A 49 -4.83 -7.92 -26.64
N THR A 50 -4.24 -7.23 -25.68
CA THR A 50 -4.24 -7.66 -24.28
C THR A 50 -5.27 -6.95 -23.42
N ASN A 51 -5.85 -5.85 -23.91
CA ASN A 51 -6.71 -5.02 -23.10
C ASN A 51 -6.10 -4.36 -21.86
N VAL A 52 -4.78 -4.37 -21.75
CA VAL A 52 -4.11 -3.67 -20.67
C VAL A 52 -4.20 -2.18 -20.93
N MET A 53 -4.58 -1.44 -19.90
CA MET A 53 -4.60 -0.02 -19.98
C MET A 53 -3.14 0.44 -19.97
N VAL A 54 -2.74 1.12 -21.03
CA VAL A 54 -1.39 1.61 -21.22
C VAL A 54 -1.28 3.12 -20.97
N HIS A 55 -0.24 3.54 -20.26
CA HIS A 55 0.03 4.97 -20.09
C HIS A 55 0.91 5.38 -21.25
N VAL A 56 0.34 6.17 -22.14
CA VAL A 56 0.89 6.20 -23.50
C VAL A 56 2.20 6.99 -23.55
N TYR A 57 2.27 8.07 -22.76
CA TYR A 57 3.44 8.91 -22.73
C TYR A 57 4.25 8.66 -21.48
N GLY A 58 4.19 7.45 -20.98
CA GLY A 58 4.93 7.14 -19.78
C GLY A 58 3.97 6.91 -18.63
N PRO A 59 4.34 5.99 -17.73
CA PRO A 59 3.59 5.71 -16.51
C PRO A 59 3.45 7.01 -15.76
N HIS A 60 2.26 7.19 -15.18
CA HIS A 60 1.84 8.42 -14.54
C HIS A 60 1.20 8.09 -13.17
N ILE A 61 1.89 8.39 -12.07
CA ILE A 61 1.39 8.01 -10.74
C ILE A 61 0.91 9.26 -10.03
N PHE A 62 -0.33 9.29 -9.56
CA PHE A 62 -0.76 10.48 -8.86
C PHE A 62 -0.26 10.60 -7.44
N HIS A 63 0.28 11.72 -7.04
CA HIS A 63 0.78 11.86 -5.66
C HIS A 63 0.77 13.31 -5.26
N THR A 64 0.18 13.60 -4.11
CA THR A 64 0.08 14.98 -3.66
C THR A 64 -0.05 15.02 -2.17
N ASP A 65 0.41 16.13 -1.59
CA ASP A 65 0.08 16.46 -0.22
C ASP A 65 -1.08 17.49 -0.15
N ASN A 66 -1.53 17.95 -1.33
CA ASN A 66 -2.64 18.92 -1.52
C ASN A 66 -4.04 18.32 -1.47
N GLU A 67 -4.71 18.47 -0.34
CA GLU A 67 -6.00 17.82 -0.15
C GLU A 67 -7.07 18.34 -1.13
N THR A 68 -6.98 19.62 -1.44
CA THR A 68 -7.96 20.25 -2.31
C THR A 68 -7.92 19.58 -3.68
N VAL A 69 -6.72 19.48 -4.24
CA VAL A 69 -6.45 18.81 -5.53
C VAL A 69 -6.91 17.36 -5.46
N TRP A 70 -6.54 16.72 -4.35
CA TRP A 70 -6.97 15.34 -4.19
C TRP A 70 -8.49 15.23 -4.20
N ASN A 71 -9.17 16.10 -3.46
CA ASN A 71 -10.64 16.09 -3.46
C ASN A 71 -11.15 16.29 -4.88
N TYR A 72 -10.55 17.26 -5.53
CA TYR A 72 -10.92 17.67 -6.87
C TYR A 72 -10.95 16.48 -7.81
N ILE A 73 -9.87 15.73 -7.88
CA ILE A 73 -9.83 14.67 -8.87
C ILE A 73 -10.76 13.56 -8.43
N ASN A 74 -11.09 13.52 -7.15
CA ASN A 74 -12.04 12.50 -6.64
C ASN A 74 -13.49 12.76 -7.04
N LYS A 75 -13.81 14.02 -7.36
CA LYS A 75 -15.02 14.37 -8.07
C LYS A 75 -15.10 13.79 -9.48
N HIS A 76 -13.98 13.33 -10.06
CA HIS A 76 -13.96 12.99 -11.50
C HIS A 76 -13.40 11.61 -11.80
N ALA A 77 -13.01 10.91 -10.76
CA ALA A 77 -12.54 9.55 -10.91
C ALA A 77 -12.64 8.84 -9.57
N GLU A 78 -12.67 7.53 -9.63
CA GLU A 78 -12.44 6.69 -8.48
C GLU A 78 -10.95 6.43 -8.29
N MET A 79 -10.34 7.04 -7.27
CA MET A 79 -8.93 6.78 -7.04
C MET A 79 -8.67 5.48 -6.30
N MET A 80 -8.03 4.52 -6.96
CA MET A 80 -7.58 3.32 -6.28
C MET A 80 -6.25 3.58 -5.60
N PRO A 81 -6.10 3.10 -4.36
CA PRO A 81 -4.82 3.30 -3.71
C PRO A 81 -3.75 2.49 -4.43
N TYR A 82 -2.57 3.07 -4.57
CA TYR A 82 -1.51 2.39 -5.30
C TYR A 82 -0.23 2.94 -4.70
N VAL A 83 0.67 2.08 -4.27
CA VAL A 83 1.94 2.55 -3.73
C VAL A 83 3.02 2.02 -4.65
N ASN A 84 3.89 2.93 -5.07
CA ASN A 84 4.87 2.66 -6.09
C ASN A 84 6.08 2.09 -5.42
N ARG A 85 6.46 0.90 -5.87
CA ARG A 85 7.55 0.17 -5.26
C ARG A 85 8.47 -0.21 -6.39
N VAL A 86 9.52 0.56 -6.56
CA VAL A 86 10.43 0.38 -7.65
C VAL A 86 11.54 -0.59 -7.31
N LYS A 87 11.78 -1.51 -8.24
CA LYS A 87 12.89 -2.39 -8.15
C LYS A 87 14.02 -1.97 -9.07
N ALA A 88 15.22 -2.52 -8.83
CA ALA A 88 16.37 -2.13 -9.62
C ALA A 88 17.26 -3.30 -9.84
N THR A 89 17.67 -3.46 -11.10
CA THR A 89 18.58 -4.49 -11.45
C THR A 89 19.90 -3.82 -11.72
N VAL A 90 20.92 -4.27 -10.98
CA VAL A 90 22.30 -3.96 -11.27
C VAL A 90 23.20 -5.03 -10.64
N ASN A 91 24.39 -5.24 -11.22
CA ASN A 91 25.44 -6.13 -10.67
C ASN A 91 24.92 -7.52 -10.42
N GLY A 92 24.04 -8.01 -11.28
CA GLY A 92 23.59 -9.40 -11.16
C GLY A 92 22.60 -9.53 -10.02
N GLN A 93 22.06 -8.42 -9.52
CA GLN A 93 21.06 -8.57 -8.49
C GLN A 93 19.90 -7.62 -8.64
N VAL A 94 18.79 -7.97 -7.99
CA VAL A 94 17.63 -7.09 -7.84
C VAL A 94 17.49 -6.47 -6.47
N PHE A 95 17.27 -5.18 -6.44
CA PHE A 95 17.29 -4.42 -5.20
C PHE A 95 15.98 -3.62 -5.06
N SER A 96 15.64 -3.18 -3.88
CA SER A 96 14.54 -2.26 -3.86
C SER A 96 15.03 -0.80 -3.84
N LEU A 97 14.28 0.07 -4.52
CA LEU A 97 14.55 1.50 -4.41
C LEU A 97 13.32 2.08 -3.76
N PRO A 98 13.42 3.31 -3.23
CA PRO A 98 14.59 4.16 -3.13
C PRO A 98 15.49 3.55 -2.08
N ILE A 99 16.74 3.97 -2.01
CA ILE A 99 17.63 3.38 -1.06
C ILE A 99 17.04 3.33 0.37
N ASN A 100 16.85 2.11 0.88
CA ASN A 100 16.34 1.93 2.22
C ASN A 100 17.14 0.85 2.97
N LEU A 101 16.68 0.46 4.18
CA LEU A 101 17.44 -0.47 5.03
C LEU A 101 17.58 -1.80 4.34
N HIS A 102 16.59 -2.16 3.53
CA HIS A 102 16.70 -3.45 2.84
C HIS A 102 17.78 -3.35 1.79
N THR A 103 17.85 -2.21 1.11
CA THR A 103 18.88 -2.00 0.06
C THR A 103 20.29 -2.00 0.67
N ILE A 104 20.43 -1.33 1.81
CA ILE A 104 21.71 -1.25 2.45
C ILE A 104 22.16 -2.61 2.95
N ASN A 105 21.24 -3.35 3.56
CA ASN A 105 21.57 -4.70 4.07
C ASN A 105 21.87 -5.71 2.95
N GLN A 106 21.14 -5.61 1.84
CA GLN A 106 21.42 -6.52 0.72
C GLN A 106 22.73 -6.09 0.02
N PHE A 107 22.89 -4.79 -0.23
CA PHE A 107 24.09 -4.36 -0.96
C PHE A 107 25.42 -4.68 -0.25
N PHE A 108 25.51 -4.42 1.05
CA PHE A 108 26.75 -4.62 1.77
C PHE A 108 26.82 -5.92 2.58
N SER A 109 25.84 -6.83 2.42
CA SER A 109 25.73 -8.10 3.16
C SER A 109 25.75 -7.92 4.68
N LYS A 110 24.83 -7.13 5.19
CA LYS A 110 24.72 -6.98 6.63
C LYS A 110 23.28 -7.28 7.08
N THR A 111 23.05 -7.12 8.38
CA THR A 111 21.73 -7.18 8.96
C THR A 111 21.64 -6.04 9.97
N CYS A 112 22.11 -4.85 9.58
CA CYS A 112 22.09 -3.67 10.45
C CYS A 112 20.73 -3.29 10.99
N SER A 113 20.70 -2.72 12.19
CA SER A 113 19.53 -1.99 12.62
C SER A 113 19.61 -0.61 11.95
N PRO A 114 18.49 0.14 11.99
CA PRO A 114 18.52 1.51 11.51
C PRO A 114 19.71 2.36 12.03
N ASP A 115 19.96 2.38 13.33
CA ASP A 115 21.09 3.10 13.86
C ASP A 115 22.38 2.53 13.36
N GLU A 116 22.51 1.22 13.28
CA GLU A 116 23.78 0.73 12.70
C GLU A 116 23.95 1.13 11.22
N ALA A 117 22.84 1.39 10.54
CA ALA A 117 22.94 1.70 9.11
C ALA A 117 23.30 3.16 8.93
N ARG A 118 22.83 4.02 9.86
CA ARG A 118 23.24 5.41 9.86
C ARG A 118 24.72 5.42 10.03
N ALA A 119 25.26 4.63 10.97
CA ALA A 119 26.69 4.65 11.17
C ALA A 119 27.42 4.15 9.94
N LEU A 120 26.92 3.07 9.34
CA LEU A 120 27.64 2.47 8.23
C LEU A 120 27.72 3.48 7.08
N ILE A 121 26.60 4.14 6.77
CA ILE A 121 26.54 5.02 5.63
C ILE A 121 27.30 6.36 5.97
N ALA A 122 27.25 6.81 7.22
CA ALA A 122 28.05 7.98 7.62
C ALA A 122 29.55 7.71 7.44
N GLU A 123 30.03 6.51 7.76
CA GLU A 123 31.41 6.25 7.43
C GLU A 123 31.64 6.24 5.90
N LYS A 124 30.64 5.91 5.09
CA LYS A 124 30.93 5.84 3.63
C LYS A 124 30.93 7.22 2.95
N GLY A 125 30.04 8.09 3.42
CA GLY A 125 29.95 9.45 2.93
C GLY A 125 31.10 10.37 3.39
N ASP A 126 31.23 11.49 2.70
CA ASP A 126 32.32 12.36 2.95
C ASP A 126 31.76 13.66 3.48
N SER A 127 31.78 13.78 4.80
CA SER A 127 31.24 14.93 5.49
C SER A 127 32.20 16.14 5.41
N THR A 128 33.30 15.97 4.71
CA THR A 128 34.22 17.07 4.42
C THR A 128 33.72 18.00 3.33
N ILE A 129 32.74 17.55 2.58
CA ILE A 129 32.00 18.38 1.60
C ILE A 129 30.93 19.31 2.24
N ALA A 130 31.30 20.57 2.39
CA ALA A 130 30.47 21.52 3.10
C ALA A 130 29.11 21.72 2.46
N ASP A 131 29.13 21.93 1.16
CA ASP A 131 27.92 22.30 0.44
C ASP A 131 27.99 21.68 -0.95
N PRO A 132 27.36 20.52 -1.10
CA PRO A 132 27.40 19.80 -2.38
C PRO A 132 26.69 20.63 -3.43
N GLN A 133 27.34 20.81 -4.58
CA GLN A 133 26.77 21.59 -5.67
C GLN A 133 26.38 20.73 -6.86
N THR A 134 27.20 19.75 -7.17
CA THR A 134 26.88 18.79 -8.21
C THR A 134 26.19 17.52 -7.69
N PHE A 135 25.49 16.88 -8.62
CA PHE A 135 24.92 15.58 -8.38
C PHE A 135 25.98 14.66 -7.78
N GLU A 136 27.17 14.61 -8.37
CA GLU A 136 28.20 13.75 -7.84
C GLU A 136 28.53 14.08 -6.37
N GLU A 137 28.80 15.34 -6.07
CA GLU A 137 29.01 15.76 -4.68
C GLU A 137 27.84 15.38 -3.75
N GLN A 138 26.59 15.65 -4.11
CA GLN A 138 25.48 15.19 -3.26
C GLN A 138 25.66 13.70 -2.93
N ALA A 139 26.07 12.90 -3.92
CA ALA A 139 26.09 11.46 -3.72
C ALA A 139 27.27 11.07 -2.87
N LEU A 140 28.41 11.69 -3.12
CA LEU A 140 29.55 11.32 -2.33
C LEU A 140 29.39 11.77 -0.88
N ARG A 141 28.66 12.86 -0.66
CA ARG A 141 28.45 13.41 0.66
C ARG A 141 27.59 12.48 1.51
N PHE A 142 26.47 11.97 0.96
CA PHE A 142 25.47 11.21 1.76
C PHE A 142 25.35 9.73 1.52
N ILE A 143 25.61 9.24 0.32
CA ILE A 143 25.42 7.82 0.14
C ILE A 143 26.71 7.06 -0.05
N GLY A 144 27.76 7.74 -0.49
CA GLY A 144 29.06 7.11 -0.68
C GLY A 144 29.24 6.59 -2.10
N LYS A 145 30.51 6.34 -2.41
CA LYS A 145 31.00 5.92 -3.72
C LYS A 145 30.33 4.63 -4.23
N GLU A 146 30.22 3.62 -3.36
CA GLU A 146 29.67 2.32 -3.79
C GLU A 146 28.20 2.35 -4.20
N LEU A 147 27.37 2.93 -3.35
CA LEU A 147 25.96 3.12 -3.69
C LEU A 147 25.81 4.05 -4.89
N TYR A 148 26.55 5.16 -4.87
CA TYR A 148 26.53 6.08 -5.99
C TYR A 148 26.75 5.40 -7.34
N GLU A 149 27.79 4.60 -7.42
CA GLU A 149 28.18 4.03 -8.68
C GLU A 149 27.30 2.91 -9.10
N ALA A 150 26.71 2.18 -8.15
CA ALA A 150 25.85 1.08 -8.49
C ALA A 150 24.49 1.58 -9.00
N PHE A 151 23.89 2.54 -8.28
CA PHE A 151 22.52 2.93 -8.50
C PHE A 151 22.33 4.23 -9.25
N PHE A 152 23.30 5.14 -9.17
CA PHE A 152 23.09 6.47 -9.66
C PHE A 152 23.93 6.93 -10.82
N LYS A 153 25.18 6.56 -10.86
CA LYS A 153 26.01 7.22 -11.84
C LYS A 153 25.58 6.82 -13.24
N GLY A 154 25.36 5.52 -13.44
CA GLY A 154 25.15 4.97 -14.78
C GLY A 154 23.77 5.39 -15.22
N TYR A 155 22.82 5.27 -14.32
CA TYR A 155 21.44 5.63 -14.59
C TYR A 155 21.35 7.06 -14.96
N THR A 156 21.97 7.95 -14.18
CA THR A 156 21.99 9.37 -14.43
C THR A 156 22.67 9.81 -15.74
N ILE A 157 23.81 9.22 -16.05
CA ILE A 157 24.41 9.39 -17.34
C ILE A 157 23.43 9.07 -18.48
N LYS A 158 22.59 8.05 -18.34
CA LYS A 158 21.67 7.68 -19.45
C LYS A 158 20.46 8.62 -19.53
N GLN A 159 19.95 9.01 -18.38
CA GLN A 159 18.77 9.81 -18.31
C GLN A 159 19.08 11.20 -18.79
N TRP A 160 20.23 11.76 -18.41
CA TRP A 160 20.57 13.16 -18.71
C TRP A 160 21.62 13.32 -19.83
N GLY A 161 22.34 12.28 -20.17
CA GLY A 161 23.37 12.48 -21.18
C GLY A 161 24.44 13.49 -20.75
N MET A 162 24.79 13.50 -19.47
CA MET A 162 25.88 14.29 -18.93
C MET A 162 26.51 13.56 -17.75
N GLN A 163 27.79 13.78 -17.50
CA GLN A 163 28.44 13.18 -16.32
C GLN A 163 27.78 13.79 -15.11
N PRO A 164 27.59 13.01 -14.04
CA PRO A 164 27.01 13.65 -12.86
C PRO A 164 27.80 14.82 -12.25
N SER A 165 29.09 14.94 -12.52
CA SER A 165 29.81 16.10 -12.04
C SER A 165 29.26 17.35 -12.70
N GLU A 166 28.59 17.17 -13.83
CA GLU A 166 28.05 18.29 -14.60
C GLU A 166 26.58 18.65 -14.25
N LEU A 167 25.95 17.88 -13.36
CA LEU A 167 24.54 18.05 -13.02
C LEU A 167 24.28 18.67 -11.66
N PRO A 168 23.14 19.35 -11.49
CA PRO A 168 22.94 20.00 -10.18
C PRO A 168 22.59 19.00 -9.07
N ALA A 169 22.99 19.31 -7.83
CA ALA A 169 22.72 18.47 -6.65
C ALA A 169 21.25 18.25 -6.42
N SER A 170 20.41 19.23 -6.75
CA SER A 170 18.98 19.19 -6.47
C SER A 170 18.31 17.97 -7.03
N ILE A 171 18.74 17.53 -8.21
CA ILE A 171 18.21 16.29 -8.82
C ILE A 171 18.23 15.14 -7.83
N LEU A 172 19.37 14.90 -7.19
CA LEU A 172 19.47 13.82 -6.23
C LEU A 172 18.84 14.16 -4.88
N LYS A 173 18.89 15.45 -4.51
CA LYS A 173 18.43 15.99 -3.22
C LYS A 173 17.00 15.56 -2.91
N ARG A 174 16.20 15.40 -3.96
CA ARG A 174 14.80 15.05 -3.86
C ARG A 174 14.56 13.66 -3.28
N LEU A 175 15.43 12.70 -3.58
CA LEU A 175 15.18 11.26 -3.26
C LEU A 175 15.52 10.84 -1.82
N PRO A 176 14.54 10.14 -1.16
CA PRO A 176 14.75 9.57 0.18
C PRO A 176 15.89 8.51 0.25
N VAL A 177 16.86 8.81 1.14
CA VAL A 177 17.78 7.79 1.69
C VAL A 177 17.18 7.38 3.04
N ARG A 178 16.65 6.16 3.12
CA ARG A 178 15.81 5.80 4.25
C ARG A 178 16.55 4.79 5.10
N PHE A 179 16.49 4.97 6.41
CA PHE A 179 17.10 4.01 7.32
C PHE A 179 16.05 3.15 8.01
N ASN A 180 14.91 2.94 7.37
CA ASN A 180 13.96 1.95 7.80
C ASN A 180 13.63 1.10 6.60
N TYR A 181 12.66 0.21 6.72
CA TYR A 181 12.32 -0.71 5.64
C TYR A 181 11.16 -0.20 4.78
N ASP A 182 10.82 1.07 4.90
CA ASP A 182 9.82 1.65 4.02
C ASP A 182 10.31 1.85 2.56
N ASP A 183 9.70 1.16 1.59
CA ASP A 183 10.12 1.32 0.19
C ASP A 183 9.07 1.98 -0.74
N ASN A 184 8.21 2.77 -0.11
CA ASN A 184 7.33 3.72 -0.79
C ASN A 184 8.19 4.74 -1.54
N TYR A 185 8.19 4.72 -2.87
CA TYR A 185 8.98 5.71 -3.63
C TYR A 185 8.68 7.17 -3.30
N PHE A 186 7.41 7.46 -2.97
CA PHE A 186 6.91 8.82 -2.70
C PHE A 186 6.48 9.01 -1.25
N ASN A 187 6.94 10.09 -0.60
CA ASN A 187 6.41 10.53 0.73
C ASN A 187 4.93 10.98 0.79
N HIS A 188 4.39 11.43 -0.36
CA HIS A 188 3.15 12.20 -0.35
C HIS A 188 2.06 11.45 0.37
N LYS A 189 1.24 12.20 1.12
CA LYS A 189 0.13 11.64 1.86
C LYS A 189 -0.84 10.98 0.90
N PHE A 190 -1.17 11.66 -0.19
CA PHE A 190 -2.13 11.06 -1.11
C PHE A 190 -1.44 10.48 -2.34
N GLN A 191 -1.75 9.21 -2.57
CA GLN A 191 -1.14 8.52 -3.66
C GLN A 191 -2.10 7.50 -4.22
N GLY A 192 -2.28 7.48 -5.55
CA GLY A 192 -3.22 6.59 -6.19
C GLY A 192 -3.22 6.63 -7.72
N MET A 193 -4.07 5.78 -8.30
CA MET A 193 -4.26 5.58 -9.74
C MET A 193 -5.75 5.68 -10.00
N PRO A 194 -6.18 6.39 -11.05
CA PRO A 194 -7.62 6.45 -11.34
C PRO A 194 -8.15 5.12 -11.83
N LYS A 195 -9.24 4.63 -11.25
CA LYS A 195 -9.77 3.33 -11.66
C LYS A 195 -9.99 3.25 -13.18
N CYS A 196 -10.58 4.29 -13.77
CA CYS A 196 -10.87 4.26 -15.21
C CYS A 196 -9.82 4.96 -16.13
N GLY A 197 -8.73 5.45 -15.52
CA GLY A 197 -7.59 5.96 -16.21
C GLY A 197 -7.70 7.45 -16.33
N TYR A 198 -6.60 8.12 -16.69
CA TYR A 198 -6.64 9.56 -16.81
C TYR A 198 -7.45 10.16 -17.97
N THR A 199 -7.60 9.43 -19.07
CA THR A 199 -8.39 9.91 -20.20
C THR A 199 -9.84 10.14 -19.74
N GLN A 200 -10.47 9.10 -19.18
CA GLN A 200 -11.81 9.24 -18.57
C GLN A 200 -11.83 10.34 -17.51
N MET A 201 -10.79 10.41 -16.69
CA MET A 201 -10.81 11.42 -15.63
C MET A 201 -10.90 12.76 -16.30
N ILE A 202 -10.09 12.96 -17.34
CA ILE A 202 -10.03 14.24 -18.00
C ILE A 202 -11.29 14.52 -18.82
N LYS A 203 -11.78 13.50 -19.53
CA LYS A 203 -13.09 13.56 -20.15
C LYS A 203 -14.11 14.20 -19.22
N SER A 204 -14.15 13.72 -17.97
CA SER A 204 -15.12 14.16 -17.01
C SER A 204 -14.92 15.62 -16.63
N ILE A 205 -13.68 16.03 -16.41
CA ILE A 205 -13.37 17.44 -16.21
C ILE A 205 -13.86 18.29 -17.40
N LEU A 206 -13.72 17.75 -18.61
CA LEU A 206 -14.14 18.44 -19.81
C LEU A 206 -15.68 18.48 -20.04
N ASN A 207 -16.40 17.61 -19.34
CA ASN A 207 -17.80 17.35 -19.67
C ASN A 207 -18.74 18.33 -18.98
N HIS A 208 -18.81 19.51 -19.59
CA HIS A 208 -19.68 20.57 -19.15
C HIS A 208 -20.38 21.05 -20.42
N GLU A 209 -21.56 21.64 -20.22
CA GLU A 209 -22.35 22.25 -21.28
C GLU A 209 -21.62 23.37 -22.04
N ASN A 210 -20.87 24.19 -21.28
CA ASN A 210 -20.15 25.39 -21.73
C ASN A 210 -18.78 25.15 -22.41
N ILE A 211 -18.42 23.89 -22.68
CA ILE A 211 -17.10 23.56 -23.18
C ILE A 211 -17.22 22.81 -24.49
N LYS A 212 -16.61 23.35 -25.54
CA LYS A 212 -16.50 22.62 -26.83
C LYS A 212 -15.04 22.34 -27.14
N VAL A 213 -14.79 21.10 -27.56
CA VAL A 213 -13.49 20.54 -27.73
C VAL A 213 -13.31 20.11 -29.19
N ASP A 214 -12.40 20.76 -29.91
CA ASP A 214 -12.07 20.36 -31.26
C ASP A 214 -10.70 19.73 -31.35
N LEU A 215 -10.67 18.44 -31.69
CA LEU A 215 -9.44 17.68 -31.84
C LEU A 215 -8.86 17.71 -33.28
N GLN A 216 -7.68 17.12 -33.47
CA GLN A 216 -6.89 17.27 -34.71
C GLN A 216 -6.84 18.72 -35.20
N ARG A 217 -6.58 19.65 -34.29
CA ARG A 217 -6.67 21.06 -34.58
C ARG A 217 -5.53 21.94 -34.01
N GLU A 218 -4.61 22.33 -34.89
CA GLU A 218 -3.49 23.14 -34.52
C GLU A 218 -3.95 24.54 -34.16
N PHE A 219 -3.22 25.20 -33.29
CA PHE A 219 -3.47 26.61 -33.01
C PHE A 219 -2.99 27.50 -34.17
N ILE A 220 -3.80 28.52 -34.50
CA ILE A 220 -3.44 29.55 -35.51
C ILE A 220 -3.50 30.94 -34.88
N VAL A 221 -2.41 31.70 -34.99
CA VAL A 221 -2.35 33.05 -34.41
C VAL A 221 -3.55 33.97 -34.72
N ASP A 222 -4.12 33.86 -35.90
CA ASP A 222 -5.19 34.77 -36.28
C ASP A 222 -6.52 34.55 -35.59
N GLU A 223 -6.65 33.40 -34.93
CA GLU A 223 -7.78 33.13 -34.06
C GLU A 223 -7.82 34.04 -32.83
N ARG A 224 -6.70 34.54 -32.37
CA ARG A 224 -6.71 35.28 -31.11
C ARG A 224 -7.81 36.36 -31.07
N THR A 225 -7.89 37.12 -32.16
CA THR A 225 -8.84 38.24 -32.30
C THR A 225 -10.22 37.82 -31.88
N HIS A 226 -10.62 36.59 -32.22
CA HIS A 226 -11.96 36.11 -31.89
C HIS A 226 -12.32 35.92 -30.40
N TYR A 227 -11.37 36.11 -29.48
CA TYR A 227 -11.62 35.70 -28.11
C TYR A 227 -11.22 36.76 -27.17
N ASP A 228 -11.78 36.69 -25.97
CA ASP A 228 -11.52 37.68 -24.94
C ASP A 228 -10.22 37.44 -24.23
N HIS A 229 -9.86 36.16 -24.10
CA HIS A 229 -8.57 35.69 -23.56
C HIS A 229 -8.16 34.30 -24.05
N VAL A 230 -6.86 34.08 -24.16
CA VAL A 230 -6.32 32.80 -24.61
C VAL A 230 -5.43 32.22 -23.52
N PHE A 231 -5.66 30.95 -23.22
CA PHE A 231 -4.77 30.18 -22.35
C PHE A 231 -4.02 29.21 -23.19
N TYR A 232 -2.70 29.27 -23.11
CA TYR A 232 -1.84 28.49 -23.99
C TYR A 232 -0.94 27.55 -23.21
N SER A 233 -1.15 26.26 -23.41
CA SER A 233 -0.37 25.25 -22.73
C SER A 233 0.55 24.45 -23.69
N GLY A 234 0.66 24.91 -24.94
CA GLY A 234 1.64 24.40 -25.87
C GLY A 234 3.02 24.96 -25.57
N PRO A 235 4.03 24.52 -26.32
CA PRO A 235 5.36 24.97 -26.01
C PRO A 235 5.49 26.45 -26.31
N LEU A 236 5.98 27.20 -25.34
CA LEU A 236 6.25 28.61 -25.49
C LEU A 236 7.15 28.98 -26.65
N ASP A 237 8.21 28.21 -26.90
CA ASP A 237 9.12 28.56 -27.99
C ASP A 237 8.40 28.36 -29.34
N ALA A 238 7.59 27.32 -29.43
CA ALA A 238 6.83 27.05 -30.63
C ALA A 238 5.84 28.20 -30.90
N PHE A 239 5.28 28.77 -29.83
CA PHE A 239 4.33 29.82 -30.05
C PHE A 239 5.06 30.90 -30.79
N TYR A 240 6.34 31.08 -30.49
CA TYR A 240 7.10 32.13 -31.17
C TYR A 240 7.92 31.65 -32.36
N GLY A 241 7.42 30.63 -33.04
CA GLY A 241 8.06 30.17 -34.26
C GLY A 241 9.44 29.60 -34.06
N TYR A 242 9.79 29.27 -32.82
CA TYR A 242 11.15 28.84 -32.46
C TYR A 242 12.16 29.83 -33.00
N GLN A 243 11.83 31.12 -32.92
CA GLN A 243 12.61 32.12 -33.63
C GLN A 243 13.97 32.34 -33.00
N TYR A 244 14.11 31.93 -31.74
CA TYR A 244 15.41 32.10 -31.11
C TYR A 244 16.22 30.84 -30.93
N GLY A 245 15.68 29.70 -31.39
CA GLY A 245 16.20 28.33 -31.11
C GLY A 245 15.17 27.51 -30.33
N ARG A 246 15.34 26.20 -30.27
CA ARG A 246 14.38 25.38 -29.55
C ARG A 246 14.86 25.19 -28.14
N LEU A 247 13.96 25.30 -27.19
CA LEU A 247 14.27 24.98 -25.77
C LEU A 247 14.76 23.53 -25.64
N GLY A 248 15.81 23.33 -24.84
CA GLY A 248 16.42 22.02 -24.60
C GLY A 248 15.57 21.05 -23.81
N TYR A 249 15.39 19.86 -24.39
CA TYR A 249 14.68 18.80 -23.69
C TYR A 249 15.39 17.49 -23.82
N ARG A 250 14.99 16.55 -22.99
CA ARG A 250 15.28 15.19 -23.26
C ARG A 250 14.04 14.57 -23.81
N THR A 251 14.21 13.66 -24.75
CA THR A 251 13.10 12.88 -25.22
C THR A 251 13.21 11.43 -24.73
N LEU A 252 12.12 10.70 -24.95
CA LEU A 252 12.03 9.31 -24.57
C LEU A 252 11.45 8.56 -25.76
N ASP A 253 12.07 7.42 -26.04
CA ASP A 253 11.54 6.40 -26.93
C ASP A 253 10.96 5.25 -26.14
N PHE A 254 9.70 4.93 -26.36
CA PHE A 254 9.07 3.85 -25.65
C PHE A 254 8.97 2.63 -26.59
N LYS A 255 9.76 1.60 -26.33
CA LYS A 255 9.77 0.43 -27.22
C LYS A 255 8.84 -0.66 -26.67
N LYS A 256 7.71 -0.85 -27.34
CA LYS A 256 6.64 -1.75 -26.91
C LYS A 256 6.92 -3.21 -27.19
N PHE A 257 6.50 -4.07 -26.25
CA PHE A 257 6.44 -5.50 -26.51
C PHE A 257 5.43 -6.17 -25.62
N ILE A 258 5.03 -7.38 -26.08
CA ILE A 258 3.92 -8.11 -25.51
C ILE A 258 4.43 -9.45 -25.04
N TYR A 259 4.07 -9.78 -23.82
CA TYR A 259 4.49 -11.02 -23.25
C TYR A 259 3.29 -11.75 -22.72
N GLN A 260 3.24 -13.06 -22.97
CA GLN A 260 2.11 -13.88 -22.50
C GLN A 260 2.44 -14.39 -21.10
N GLY A 261 2.02 -13.60 -20.13
CA GLY A 261 2.37 -13.88 -18.74
C GLY A 261 2.71 -12.63 -17.93
N ASP A 262 3.53 -12.79 -16.90
CA ASP A 262 3.99 -11.71 -16.07
C ASP A 262 5.47 -11.55 -16.46
N TYR A 263 5.83 -10.45 -17.09
CA TYR A 263 7.15 -10.35 -17.67
C TYR A 263 8.24 -10.05 -16.66
N GLN A 264 7.98 -9.14 -15.70
CA GLN A 264 8.96 -8.82 -14.69
C GLN A 264 8.33 -8.93 -13.31
N GLY A 265 7.01 -8.85 -13.22
CA GLY A 265 6.35 -9.04 -11.94
C GLY A 265 6.22 -7.78 -11.14
N CYS A 266 6.43 -6.63 -11.77
CA CYS A 266 6.26 -5.36 -11.06
C CYS A 266 6.06 -4.23 -12.06
N ALA A 267 5.54 -3.08 -11.63
CA ALA A 267 5.25 -1.99 -12.57
C ALA A 267 6.50 -1.40 -13.20
N VAL A 268 7.55 -1.22 -12.39
CA VAL A 268 8.75 -0.50 -12.83
C VAL A 268 9.97 -1.24 -12.35
N MET A 269 10.85 -1.56 -13.30
CA MET A 269 12.16 -2.14 -12.99
C MET A 269 13.24 -1.22 -13.59
N ASN A 270 13.96 -0.50 -12.71
CA ASN A 270 15.12 0.33 -13.11
C ASN A 270 16.34 -0.54 -13.41
N TYR A 271 17.07 -0.17 -14.47
CA TYR A 271 18.30 -0.79 -14.89
C TYR A 271 19.41 0.19 -14.69
N CYS A 272 20.16 -0.01 -13.62
CA CYS A 272 21.05 1.10 -13.17
C CYS A 272 22.41 1.11 -13.86
N SER A 273 22.73 0.05 -14.56
CA SER A 273 23.98 -0.04 -15.28
C SER A 273 23.95 0.78 -16.58
N VAL A 274 25.04 1.49 -16.81
CA VAL A 274 25.17 2.40 -17.94
C VAL A 274 25.30 1.54 -19.18
N ASP A 275 25.57 0.26 -19.01
CA ASP A 275 25.84 -0.63 -20.12
C ASP A 275 24.53 -1.26 -20.54
N VAL A 276 23.50 -1.08 -19.74
CA VAL A 276 22.15 -1.41 -20.24
C VAL A 276 21.57 -0.13 -20.84
N PRO A 277 21.12 -0.17 -22.10
CA PRO A 277 20.77 1.05 -22.90
C PRO A 277 19.45 1.71 -22.53
N TYR A 278 18.49 0.89 -22.16
CA TYR A 278 17.25 1.46 -21.70
C TYR A 278 17.38 1.81 -20.25
N THR A 279 16.68 2.84 -19.90
CA THR A 279 16.69 3.34 -18.55
C THR A 279 15.83 2.41 -17.64
N ARG A 280 14.65 2.02 -18.11
CA ARG A 280 13.82 1.13 -17.32
C ARG A 280 12.97 0.22 -18.18
N ILE A 281 12.34 -0.78 -17.56
CA ILE A 281 11.23 -1.46 -18.21
C ILE A 281 10.02 -1.27 -17.33
N THR A 282 8.91 -0.84 -17.94
CA THR A 282 7.64 -0.72 -17.27
C THR A 282 6.64 -1.73 -17.82
N GLU A 283 5.91 -2.39 -16.90
CA GLU A 283 4.90 -3.39 -17.24
C GLU A 283 3.54 -2.88 -16.76
N HIS A 284 2.73 -2.39 -17.70
CA HIS A 284 1.68 -1.43 -17.38
C HIS A 284 0.55 -2.05 -16.63
N LYS A 285 0.33 -3.34 -16.84
CA LYS A 285 -0.76 -3.98 -16.12
C LYS A 285 -0.58 -3.83 -14.64
N TYR A 286 0.66 -3.79 -14.16
CA TYR A 286 0.92 -3.62 -12.71
C TYR A 286 0.53 -2.26 -12.18
N PHE A 287 0.35 -1.28 -13.06
CA PHE A 287 -0.25 -0.02 -12.61
C PHE A 287 -1.74 -0.18 -12.33
N SER A 288 -2.35 -1.26 -12.81
CA SER A 288 -3.77 -1.53 -12.46
C SER A 288 -3.95 -2.82 -11.69
N PRO A 289 -3.36 -2.90 -10.48
CA PRO A 289 -3.30 -4.16 -9.73
C PRO A 289 -4.68 -4.80 -9.50
N TRP A 290 -5.73 -3.96 -9.50
CA TRP A 290 -7.11 -4.42 -9.34
C TRP A 290 -7.66 -5.15 -10.58
N GLU A 291 -6.98 -5.05 -11.72
CA GLU A 291 -7.41 -5.79 -12.92
C GLU A 291 -6.54 -7.02 -13.14
N GLN A 292 -7.04 -7.99 -13.89
CA GLN A 292 -6.26 -9.21 -14.23
C GLN A 292 -6.14 -9.31 -15.72
N HIS A 293 -4.92 -9.55 -16.21
CA HIS A 293 -4.69 -9.73 -17.65
C HIS A 293 -3.71 -10.88 -17.88
N ASP A 294 -3.87 -11.59 -19.00
CA ASP A 294 -3.06 -12.78 -19.24
C ASP A 294 -1.84 -12.34 -20.01
N GLY A 295 -2.08 -11.61 -21.11
CA GLY A 295 -0.99 -10.93 -21.82
C GLY A 295 -0.57 -9.63 -21.12
N SER A 296 0.62 -9.11 -21.44
CA SER A 296 1.17 -7.93 -20.80
C SER A 296 1.85 -6.99 -21.76
N VAL A 297 1.48 -5.71 -21.74
CA VAL A 297 2.21 -4.71 -22.49
C VAL A 297 3.37 -4.15 -21.64
N CYS A 298 4.57 -4.12 -22.23
CA CYS A 298 5.77 -3.61 -21.57
C CYS A 298 6.50 -2.58 -22.40
N TYR A 299 7.25 -1.70 -21.77
CA TYR A 299 8.02 -0.73 -22.51
C TYR A 299 9.47 -0.73 -22.06
N LYS A 300 10.39 -0.92 -22.99
CA LYS A 300 11.75 -0.52 -22.72
C LYS A 300 11.81 0.94 -23.02
N GLU A 301 12.52 1.70 -22.19
CA GLU A 301 12.44 3.16 -22.23
C GLU A 301 13.83 3.74 -22.43
N TYR A 302 14.02 4.48 -23.51
CA TYR A 302 15.32 5.08 -23.82
C TYR A 302 15.29 6.61 -23.78
N SER A 303 16.32 7.17 -23.14
CA SER A 303 16.47 8.56 -23.04
C SER A 303 17.59 9.09 -23.98
N ARG A 304 17.30 10.13 -24.73
CA ARG A 304 18.27 10.75 -25.60
C ARG A 304 17.84 12.19 -25.77
N ALA A 305 18.72 13.02 -26.32
CA ALA A 305 18.47 14.43 -26.61
C ALA A 305 17.21 14.57 -27.45
N CYS A 306 16.32 15.49 -27.05
CA CYS A 306 15.12 15.76 -27.84
C CYS A 306 15.50 16.51 -29.08
N GLU A 307 15.21 15.92 -30.23
CA GLU A 307 15.37 16.56 -31.53
C GLU A 307 14.08 17.20 -32.08
N GLU A 308 14.15 17.62 -33.33
CA GLU A 308 13.10 18.42 -33.96
C GLU A 308 11.73 17.70 -34.02
N ASN A 309 11.71 16.47 -34.49
CA ASN A 309 10.41 15.75 -34.56
C ASN A 309 10.03 14.87 -33.36
N ASP A 310 10.86 14.82 -32.32
CA ASP A 310 10.59 14.05 -31.11
C ASP A 310 9.64 14.84 -30.24
N ILE A 311 8.96 14.15 -29.35
CA ILE A 311 8.14 14.76 -28.33
C ILE A 311 9.05 15.12 -27.16
N PRO A 312 8.99 16.36 -26.69
CA PRO A 312 9.72 16.82 -25.53
C PRO A 312 9.13 16.26 -24.25
N TYR A 313 9.97 15.73 -23.36
CA TYR A 313 9.55 15.20 -22.09
C TYR A 313 10.22 15.96 -20.97
N TYR A 314 11.53 15.81 -20.75
CA TYR A 314 12.24 16.52 -19.67
C TYR A 314 12.96 17.76 -20.14
N PRO A 315 12.63 18.90 -19.53
CA PRO A 315 13.34 20.14 -19.82
C PRO A 315 14.75 20.01 -19.21
N ILE A 316 15.75 20.51 -19.90
CA ILE A 316 17.13 20.46 -19.37
C ILE A 316 17.34 21.59 -18.35
N ARG A 317 16.96 22.82 -18.71
CA ARG A 317 16.98 23.99 -17.78
C ARG A 317 18.38 24.36 -17.22
N GLN A 318 19.41 24.24 -18.05
CA GLN A 318 20.70 24.82 -17.66
C GLN A 318 20.83 26.26 -18.12
N MET A 319 21.98 26.88 -17.81
CA MET A 319 22.19 28.31 -18.04
C MET A 319 21.81 28.67 -19.49
N GLY A 320 22.27 27.87 -20.47
CA GLY A 320 21.94 28.05 -21.88
C GLY A 320 20.45 28.07 -22.27
N GLU A 321 19.73 27.10 -21.73
CA GLU A 321 18.32 26.96 -21.98
C GLU A 321 17.63 28.04 -21.23
N MET A 322 18.19 28.44 -20.10
CA MET A 322 17.56 29.50 -19.33
C MET A 322 17.76 30.89 -19.98
N ALA A 323 18.94 31.16 -20.57
CA ALA A 323 19.14 32.35 -21.41
C ALA A 323 18.10 32.39 -22.53
N LEU A 324 18.07 31.33 -23.31
CA LEU A 324 17.09 31.18 -24.37
C LEU A 324 15.67 31.41 -23.86
N LEU A 325 15.32 30.82 -22.72
CA LEU A 325 13.98 31.04 -22.15
C LEU A 325 13.64 32.53 -21.97
N GLU A 326 14.62 33.27 -21.45
CA GLU A 326 14.50 34.73 -21.22
C GLU A 326 14.09 35.48 -22.48
N LYS A 327 14.76 35.22 -23.59
CA LYS A 327 14.38 35.81 -24.84
C LYS A 327 12.88 35.62 -25.12
N TYR A 328 12.39 34.38 -24.95
CA TYR A 328 10.97 34.12 -25.14
C TYR A 328 10.14 34.74 -24.04
N LEU A 329 10.71 34.85 -22.85
CA LEU A 329 9.97 35.51 -21.80
C LEU A 329 9.72 36.99 -22.12
N SER A 330 10.72 37.65 -22.71
CA SER A 330 10.59 39.07 -22.96
C SER A 330 9.57 39.38 -24.07
N LEU A 331 9.47 38.51 -25.09
CA LEU A 331 8.34 38.61 -26.02
C LEU A 331 6.99 38.35 -25.36
N ALA A 332 6.91 37.32 -24.52
CA ALA A 332 5.65 36.98 -23.90
C ALA A 332 5.14 38.07 -22.97
N GLU A 333 6.06 38.79 -22.36
CA GLU A 333 5.65 39.84 -21.45
C GLU A 333 4.96 41.00 -22.20
N ASN A 334 5.35 41.19 -23.46
CA ASN A 334 4.72 42.19 -24.31
C ASN A 334 3.44 41.71 -25.03
N GLU A 335 2.78 40.72 -24.45
CA GLU A 335 1.50 40.24 -24.97
C GLU A 335 0.37 40.77 -24.10
N THR A 336 -0.84 40.80 -24.66
CA THR A 336 -1.94 41.48 -23.99
C THR A 336 -3.04 40.53 -23.45
N ASN A 337 -3.62 39.65 -24.29
CA ASN A 337 -4.73 38.86 -23.75
C ASN A 337 -4.47 37.34 -23.68
N ILE A 338 -3.28 36.95 -23.24
CA ILE A 338 -2.86 35.56 -23.19
C ILE A 338 -2.10 35.20 -21.91
N THR A 339 -2.37 34.02 -21.41
CA THR A 339 -1.62 33.50 -20.31
C THR A 339 -1.09 32.17 -20.78
N PHE A 340 0.22 32.01 -20.76
CA PHE A 340 0.87 30.72 -20.97
C PHE A 340 0.92 29.90 -19.68
N VAL A 341 0.49 28.66 -19.78
CA VAL A 341 0.45 27.76 -18.64
C VAL A 341 1.08 26.38 -18.95
N GLY A 342 1.31 25.57 -17.91
CA GLY A 342 1.72 24.19 -18.04
C GLY A 342 3.19 23.97 -18.32
N ARG A 343 3.56 22.70 -18.30
CA ARG A 343 4.92 22.25 -18.49
C ARG A 343 5.52 22.77 -19.80
N LEU A 344 4.73 22.80 -20.88
CA LEU A 344 5.23 23.25 -22.16
C LEU A 344 5.21 24.75 -22.23
N GLY A 345 4.15 25.34 -21.69
CA GLY A 345 3.94 26.77 -21.83
C GLY A 345 4.91 27.52 -20.98
N THR A 346 5.42 26.89 -19.93
CA THR A 346 6.35 27.59 -19.01
C THR A 346 7.72 26.92 -18.83
N TYR A 347 7.97 25.80 -19.52
CA TYR A 347 9.28 25.20 -19.54
C TYR A 347 9.70 24.71 -18.19
N ARG A 348 8.80 24.01 -17.52
CA ARG A 348 9.07 23.47 -16.17
C ARG A 348 8.61 22.04 -16.17
N TYR A 349 9.19 21.23 -15.28
CA TYR A 349 8.66 19.89 -15.09
C TYR A 349 7.54 20.04 -14.05
N LEU A 350 6.33 19.58 -14.35
CA LEU A 350 5.22 19.70 -13.38
C LEU A 350 4.49 18.42 -13.24
N ASP A 351 4.29 18.01 -12.00
CA ASP A 351 3.62 16.77 -11.72
C ASP A 351 2.17 17.11 -11.90
N MET A 352 1.31 16.12 -12.05
CA MET A 352 -0.08 16.34 -12.31
C MET A 352 -0.73 17.21 -11.26
N ASP A 353 -0.49 16.88 -9.99
CA ASP A 353 -1.11 17.63 -8.88
C ASP A 353 -0.71 19.10 -8.87
N VAL A 354 0.58 19.38 -9.05
CA VAL A 354 1.03 20.77 -9.23
C VAL A 354 0.37 21.40 -10.46
N THR A 355 0.26 20.66 -11.56
CA THR A 355 -0.37 21.20 -12.76
C THR A 355 -1.80 21.70 -12.49
N ILE A 356 -2.58 20.84 -11.84
CA ILE A 356 -3.94 21.09 -11.45
C ILE A 356 -4.06 22.25 -10.44
N ALA A 357 -3.25 22.25 -9.38
CA ALA A 357 -3.26 23.37 -8.46
C ALA A 357 -3.02 24.62 -9.25
N GLU A 358 -2.03 24.63 -10.13
CA GLU A 358 -1.75 25.84 -10.91
C GLU A 358 -2.91 26.27 -11.81
N ALA A 359 -3.54 25.32 -12.52
CA ALA A 359 -4.76 25.56 -13.26
C ALA A 359 -5.89 26.14 -12.40
N LEU A 360 -6.11 25.54 -11.24
CA LEU A 360 -7.08 26.09 -10.28
C LEU A 360 -6.80 27.57 -9.96
N LYS A 361 -5.54 27.88 -9.68
CA LYS A 361 -5.11 29.21 -9.37
C LYS A 361 -5.29 30.15 -10.58
N THR A 362 -4.85 29.74 -11.76
CA THR A 362 -4.92 30.59 -12.94
C THR A 362 -6.38 30.95 -13.26
N ALA A 363 -7.26 29.96 -13.18
CA ALA A 363 -8.70 30.19 -13.36
C ALA A 363 -9.25 31.17 -12.30
N GLU A 364 -8.75 31.05 -11.07
CA GLU A 364 -9.12 31.95 -9.99
C GLU A 364 -8.64 33.33 -10.40
N VAL A 365 -7.40 33.44 -10.84
CA VAL A 365 -6.81 34.77 -11.09
C VAL A 365 -7.52 35.54 -12.23
N TYR A 366 -8.04 34.81 -13.21
CA TYR A 366 -8.77 35.43 -14.29
C TYR A 366 -10.16 35.87 -13.84
N LEU A 367 -10.88 34.99 -13.14
CA LEU A 367 -12.14 35.40 -12.55
C LEU A 367 -12.02 36.61 -11.58
N ASN A 368 -11.03 36.59 -10.69
CA ASN A 368 -10.75 37.72 -9.83
C ASN A 368 -10.52 38.99 -10.66
N SER A 369 -9.81 38.85 -11.77
CA SER A 369 -9.45 40.02 -12.55
C SER A 369 -10.67 40.58 -13.27
N LEU A 370 -11.62 39.72 -13.61
CA LEU A 370 -12.82 40.17 -14.32
C LEU A 370 -13.69 41.08 -13.44
N THR A 371 -13.92 40.62 -12.21
CA THR A 371 -14.70 41.37 -11.25
C THR A 371 -14.02 42.72 -10.99
N ASP A 372 -12.69 42.76 -10.92
CA ASP A 372 -12.00 43.99 -10.54
C ASP A 372 -11.46 44.80 -11.72
N ASN A 373 -12.07 44.56 -12.89
CA ASN A 373 -11.68 45.17 -14.17
C ASN A 373 -10.19 45.55 -14.27
N GLN A 374 -9.36 44.52 -14.11
CA GLN A 374 -7.91 44.68 -14.06
C GLN A 374 -7.28 43.79 -15.13
N PRO A 375 -6.02 44.06 -15.53
CA PRO A 375 -5.57 43.23 -16.63
C PRO A 375 -5.07 41.84 -16.15
N MET A 376 -5.53 40.80 -16.87
CA MET A 376 -5.02 39.42 -16.69
C MET A 376 -3.58 39.24 -17.16
N PRO A 377 -2.67 38.85 -16.25
CA PRO A 377 -1.28 38.75 -16.68
C PRO A 377 -0.97 37.48 -17.54
N VAL A 378 0.26 37.46 -18.05
CA VAL A 378 0.67 36.46 -18.99
C VAL A 378 1.05 35.14 -18.29
N PHE A 379 1.58 35.26 -17.07
CA PHE A 379 1.97 34.14 -16.23
C PHE A 379 1.44 34.39 -14.84
N THR A 380 0.78 33.37 -14.26
CA THR A 380 0.18 33.44 -12.91
C THR A 380 1.11 32.76 -11.91
N VAL A 381 2.36 32.56 -12.35
CA VAL A 381 3.33 31.73 -11.64
C VAL A 381 4.72 32.32 -11.90
N SER A 382 5.68 31.99 -11.04
CA SER A 382 7.03 32.55 -11.21
C SER A 382 7.80 31.81 -12.31
N VAL A 383 8.43 32.54 -13.23
CA VAL A 383 9.32 31.86 -14.23
C VAL A 383 10.71 32.43 -14.62
N GLY A 384 10.97 33.72 -14.34
CA GLY A 384 12.28 34.33 -14.64
C GLY A 384 13.37 33.96 -13.64
N LYS B 2 -41.09 -8.02 21.91
CA LYS B 2 -40.74 -8.45 23.33
C LYS B 2 -39.23 -8.57 23.57
N SER B 3 -38.82 -7.89 24.63
CA SER B 3 -37.45 -7.69 24.99
C SER B 3 -36.98 -8.96 25.71
N LYS B 4 -35.91 -9.57 25.21
CA LYS B 4 -35.29 -10.71 25.89
C LYS B 4 -34.12 -10.27 26.75
N LYS B 5 -33.83 -11.09 27.77
CA LYS B 5 -32.66 -10.95 28.63
C LYS B 5 -31.50 -11.81 28.11
N ILE B 6 -30.38 -11.19 27.75
CA ILE B 6 -29.26 -11.90 27.12
C ILE B 6 -27.96 -11.78 27.90
N LEU B 7 -27.33 -12.92 28.18
CA LEU B 7 -25.99 -12.93 28.77
C LEU B 7 -24.96 -13.25 27.70
N ILE B 8 -23.92 -12.43 27.62
CA ILE B 8 -22.86 -12.65 26.66
C ILE B 8 -21.60 -12.76 27.44
N VAL B 9 -20.88 -13.86 27.25
CA VAL B 9 -19.64 -14.10 27.97
C VAL B 9 -18.50 -13.72 27.05
N GLY B 10 -17.86 -12.60 27.33
CA GLY B 10 -16.74 -12.17 26.47
C GLY B 10 -17.03 -10.79 25.90
N ALA B 11 -16.05 -9.90 26.04
CA ALA B 11 -16.17 -8.54 25.56
C ALA B 11 -15.20 -8.28 24.41
N GLY B 12 -14.87 -9.31 23.65
CA GLY B 12 -14.02 -9.13 22.47
C GLY B 12 -15.01 -8.84 21.36
N PHE B 13 -14.58 -9.04 20.11
CA PHE B 13 -15.46 -8.83 18.97
C PHE B 13 -16.68 -9.67 18.98
N SER B 14 -16.58 -10.96 19.34
CA SER B 14 -17.79 -11.81 19.31
C SER B 14 -18.83 -11.26 20.28
N GLY B 15 -18.45 -11.08 21.54
CA GLY B 15 -19.39 -10.58 22.52
C GLY B 15 -19.95 -9.25 22.09
N ALA B 16 -19.07 -8.32 21.71
CA ALA B 16 -19.47 -6.93 21.38
C ALA B 16 -20.41 -6.87 20.17
N VAL B 17 -20.06 -7.51 19.08
CA VAL B 17 -20.86 -7.31 17.90
C VAL B 17 -22.24 -7.93 18.14
N ILE B 18 -22.26 -9.11 18.74
CA ILE B 18 -23.55 -9.75 19.00
C ILE B 18 -24.32 -8.84 19.96
N GLY B 19 -23.65 -8.36 20.99
CA GLY B 19 -24.31 -7.54 21.95
C GLY B 19 -24.95 -6.33 21.29
N ARG B 20 -24.18 -5.62 20.46
CA ARG B 20 -24.67 -4.43 19.84
C ARG B 20 -25.84 -4.71 18.91
N GLN B 21 -25.75 -5.77 18.12
CA GLN B 21 -26.86 -6.11 17.21
C GLN B 21 -28.18 -6.29 17.96
N LEU B 22 -28.14 -6.96 19.10
CA LEU B 22 -29.37 -7.21 19.84
C LEU B 22 -29.81 -6.00 20.68
N ALA B 23 -28.86 -5.20 21.17
CA ALA B 23 -29.22 -3.98 21.93
C ALA B 23 -30.04 -3.02 21.06
N GLU B 24 -29.75 -3.06 19.76
CA GLU B 24 -30.36 -2.17 18.79
C GLU B 24 -31.78 -2.59 18.46
N LYS B 25 -32.15 -3.80 18.88
CA LYS B 25 -33.48 -4.34 18.58
C LYS B 25 -34.18 -4.49 19.89
N GLY B 26 -33.71 -3.77 20.91
CA GLY B 26 -34.45 -3.61 22.15
C GLY B 26 -34.20 -4.67 23.20
N HIS B 27 -33.22 -5.54 23.03
CA HIS B 27 -32.93 -6.56 24.07
C HIS B 27 -32.06 -6.08 25.22
N GLN B 28 -32.22 -6.68 26.41
CA GLN B 28 -31.39 -6.30 27.56
C GLN B 28 -30.12 -7.18 27.58
N VAL B 29 -28.99 -6.56 27.29
CA VAL B 29 -27.74 -7.26 27.09
C VAL B 29 -26.82 -7.01 28.25
N HIS B 30 -26.47 -8.11 28.92
CA HIS B 30 -25.48 -8.11 29.97
C HIS B 30 -24.26 -8.82 29.43
N ILE B 31 -23.19 -8.06 29.30
CA ILE B 31 -21.93 -8.59 28.83
C ILE B 31 -20.93 -8.62 29.99
N ILE B 32 -20.30 -9.79 30.17
CA ILE B 32 -19.26 -9.97 31.20
C ILE B 32 -17.96 -10.45 30.60
N ASP B 33 -16.85 -10.20 31.29
CA ASP B 33 -15.52 -10.63 30.89
C ASP B 33 -14.67 -10.80 32.14
N GLN B 34 -13.91 -11.88 32.17
CA GLN B 34 -13.05 -12.20 33.33
C GLN B 34 -11.85 -11.31 33.44
N ARG B 35 -11.51 -10.62 32.37
CA ARG B 35 -10.32 -9.80 32.41
C ARG B 35 -10.68 -8.43 32.97
N ASP B 36 -9.69 -7.56 33.11
CA ASP B 36 -9.95 -6.28 33.72
C ASP B 36 -10.10 -5.18 32.71
N HIS B 37 -10.31 -5.56 31.43
CA HIS B 37 -10.52 -4.63 30.33
C HIS B 37 -11.32 -5.29 29.22
N ILE B 38 -11.87 -4.47 28.32
CA ILE B 38 -12.63 -4.99 27.22
C ILE B 38 -11.66 -5.42 26.12
N GLY B 39 -12.17 -6.02 25.05
CA GLY B 39 -11.39 -6.23 23.81
C GLY B 39 -10.95 -7.62 23.50
N GLY B 40 -10.98 -8.49 24.50
CA GLY B 40 -10.51 -9.84 24.30
C GLY B 40 -9.10 -9.70 23.78
N ASN B 41 -8.71 -10.57 22.86
CA ASN B 41 -7.31 -10.57 22.34
C ASN B 41 -7.01 -9.49 21.31
N SER B 42 -7.96 -8.59 21.07
CA SER B 42 -7.75 -7.45 20.18
C SER B 42 -7.29 -6.19 20.92
N TYR B 43 -7.27 -6.27 22.26
CA TYR B 43 -7.07 -5.12 23.09
C TYR B 43 -5.74 -4.50 22.78
N ASP B 44 -5.73 -3.20 22.57
CA ASP B 44 -4.49 -2.43 22.52
C ASP B 44 -4.53 -1.37 23.59
N ALA B 45 -3.40 -0.75 23.87
CA ALA B 45 -3.35 0.35 24.83
C ALA B 45 -2.01 1.10 24.69
N ARG B 46 -2.03 2.38 25.09
CA ARG B 46 -0.84 3.27 25.00
C ARG B 46 0.14 3.00 26.11
N ASP B 47 1.39 2.71 25.78
CA ASP B 47 2.40 2.61 26.83
C ASP B 47 2.58 4.02 27.39
N SER B 48 2.66 4.18 28.71
CA SER B 48 2.68 5.56 29.27
C SER B 48 3.95 6.34 28.96
N GLU B 49 5.11 5.67 29.07
CA GLU B 49 6.38 6.32 28.84
C GLU B 49 6.60 6.83 27.41
N THR B 50 6.13 6.08 26.39
CA THR B 50 6.39 6.40 24.98
C THR B 50 5.18 6.88 24.17
N ASN B 51 4.00 6.70 24.74
CA ASN B 51 2.75 6.91 24.05
C ASN B 51 2.49 6.03 22.81
N VAL B 52 3.16 4.89 22.72
CA VAL B 52 2.98 4.05 21.54
C VAL B 52 1.76 3.22 21.76
N MET B 53 0.91 3.12 20.74
CA MET B 53 -0.26 2.25 20.84
C MET B 53 0.24 0.79 20.66
N VAL B 54 0.27 0.03 21.76
CA VAL B 54 0.81 -1.31 21.77
C VAL B 54 -0.31 -2.33 21.53
N HIS B 55 -0.06 -3.31 20.68
CA HIS B 55 -0.98 -4.43 20.57
C HIS B 55 -0.66 -5.47 21.64
N VAL B 56 -1.44 -5.41 22.72
CA VAL B 56 -1.13 -6.14 23.94
C VAL B 56 -1.03 -7.65 23.74
N TYR B 57 -1.83 -8.25 22.87
CA TYR B 57 -1.80 -9.70 22.75
C TYR B 57 -1.21 -10.09 21.42
N GLY B 58 -0.32 -9.24 20.90
CA GLY B 58 0.29 -9.42 19.60
C GLY B 58 -0.30 -8.60 18.45
N PRO B 59 0.45 -8.46 17.37
CA PRO B 59 0.05 -7.69 16.19
C PRO B 59 -1.29 -8.10 15.67
N HIS B 60 -2.14 -7.12 15.48
CA HIS B 60 -3.49 -7.33 15.01
C HIS B 60 -3.76 -6.42 13.80
N ILE B 61 -3.71 -7.04 12.64
CA ILE B 61 -3.86 -6.36 11.38
C ILE B 61 -5.27 -6.61 10.82
N PHE B 62 -6.07 -5.57 10.68
CA PHE B 62 -7.38 -5.77 10.06
C PHE B 62 -7.32 -5.94 8.56
N HIS B 63 -7.86 -7.05 8.07
CA HIS B 63 -7.90 -7.27 6.62
C HIS B 63 -9.14 -8.05 6.22
N THR B 64 -9.77 -7.72 5.09
CA THR B 64 -10.97 -8.42 4.67
C THR B 64 -11.33 -8.21 3.22
N ASP B 65 -12.10 -9.14 2.66
CA ASP B 65 -12.72 -9.02 1.34
C ASP B 65 -14.22 -8.77 1.45
N ASN B 66 -14.71 -8.70 2.68
CA ASN B 66 -16.12 -8.55 2.99
C ASN B 66 -16.42 -7.12 3.33
N GLU B 67 -16.96 -6.42 2.33
CA GLU B 67 -17.21 -5.01 2.46
C GLU B 67 -18.25 -4.70 3.52
N THR B 68 -19.19 -5.62 3.77
CA THR B 68 -20.20 -5.38 4.78
C THR B 68 -19.50 -5.16 6.13
N VAL B 69 -18.54 -6.03 6.43
CA VAL B 69 -17.74 -5.96 7.63
C VAL B 69 -16.96 -4.64 7.69
N TRP B 70 -16.21 -4.35 6.63
CA TRP B 70 -15.53 -3.06 6.46
C TRP B 70 -16.44 -1.87 6.75
N ASN B 71 -17.63 -1.82 6.12
CA ASN B 71 -18.42 -0.62 6.32
C ASN B 71 -18.72 -0.60 7.77
N TYR B 72 -19.02 -1.80 8.32
CA TYR B 72 -19.43 -1.93 9.71
C TYR B 72 -18.40 -1.40 10.71
N ILE B 73 -17.13 -1.76 10.56
CA ILE B 73 -16.15 -1.22 11.49
C ILE B 73 -15.93 0.28 11.22
N ASN B 74 -16.06 0.70 9.95
CA ASN B 74 -15.88 2.10 9.68
C ASN B 74 -16.94 2.95 10.36
N LYS B 75 -17.99 2.31 10.92
CA LYS B 75 -18.98 3.02 11.75
C LYS B 75 -18.47 3.31 13.16
N HIS B 76 -17.32 2.72 13.52
CA HIS B 76 -16.87 2.74 14.91
C HIS B 76 -15.42 3.16 15.07
N ALA B 77 -14.78 3.49 13.95
CA ALA B 77 -13.38 3.86 13.97
C ALA B 77 -13.06 4.53 12.66
N GLU B 78 -12.01 5.34 12.64
CA GLU B 78 -11.45 5.74 11.37
C GLU B 78 -10.34 4.75 10.97
N MET B 79 -10.58 3.99 9.89
CA MET B 79 -9.55 3.13 9.37
C MET B 79 -8.48 3.89 8.57
N MET B 80 -7.23 3.73 8.97
CA MET B 80 -6.11 4.34 8.32
C MET B 80 -5.60 3.31 7.37
N PRO B 81 -5.12 3.71 6.19
CA PRO B 81 -4.63 2.67 5.28
C PRO B 81 -3.33 2.16 5.88
N TYR B 82 -3.05 0.88 5.65
CA TYR B 82 -1.85 0.26 6.21
C TYR B 82 -1.67 -1.05 5.52
N VAL B 83 -0.49 -1.31 5.01
CA VAL B 83 -0.27 -2.62 4.48
C VAL B 83 0.92 -3.35 5.14
N ASN B 84 0.62 -4.52 5.65
CA ASN B 84 1.58 -5.30 6.39
C ASN B 84 2.71 -5.83 5.51
N ARG B 85 3.93 -5.52 5.86
CA ARG B 85 5.04 -5.90 5.04
C ARG B 85 6.08 -6.53 5.96
N VAL B 86 6.13 -7.85 5.97
CA VAL B 86 6.94 -8.57 6.91
C VAL B 86 8.34 -8.78 6.33
N LYS B 87 9.35 -8.61 7.18
CA LYS B 87 10.73 -8.92 6.91
C LYS B 87 11.21 -10.12 7.70
N ALA B 88 12.25 -10.80 7.24
CA ALA B 88 12.80 -11.97 7.98
C ALA B 88 14.30 -11.96 7.95
N THR B 89 14.89 -12.17 9.11
CA THR B 89 16.35 -12.28 9.20
C THR B 89 16.73 -13.76 9.32
N VAL B 90 17.53 -14.24 8.38
CA VAL B 90 18.10 -15.57 8.46
C VAL B 90 19.31 -15.71 7.57
N ASN B 91 20.30 -16.51 8.02
CA ASN B 91 21.55 -16.71 7.29
C ASN B 91 22.25 -15.39 6.99
N GLY B 92 22.32 -14.51 7.99
CA GLY B 92 23.09 -13.27 7.83
C GLY B 92 22.56 -12.36 6.72
N GLN B 93 21.28 -12.54 6.34
CA GLN B 93 20.60 -11.71 5.34
C GLN B 93 19.22 -11.25 5.82
N VAL B 94 18.69 -10.18 5.26
CA VAL B 94 17.30 -9.76 5.51
C VAL B 94 16.46 -9.91 4.26
N PHE B 95 15.32 -10.58 4.37
CA PHE B 95 14.54 -10.83 3.19
C PHE B 95 13.15 -10.33 3.40
N SER B 96 12.38 -10.18 2.34
CA SER B 96 10.97 -9.94 2.54
C SER B 96 10.17 -11.25 2.50
N LEU B 97 9.04 -11.22 3.20
CA LEU B 97 8.12 -12.37 3.34
C LEU B 97 6.77 -11.84 2.90
N PRO B 98 5.89 -12.67 2.35
CA PRO B 98 6.03 -14.10 2.14
C PRO B 98 6.96 -14.29 0.97
N ILE B 99 7.33 -15.53 0.69
CA ILE B 99 8.34 -15.80 -0.30
C ILE B 99 7.89 -15.31 -1.67
N ASN B 100 8.58 -14.30 -2.17
CA ASN B 100 8.24 -13.74 -3.46
C ASN B 100 9.47 -13.70 -4.33
N LEU B 101 9.34 -13.04 -5.49
CA LEU B 101 10.38 -13.08 -6.49
C LEU B 101 11.63 -12.40 -5.97
N HIS B 102 11.46 -11.40 -5.10
CA HIS B 102 12.63 -10.77 -4.54
C HIS B 102 13.33 -11.70 -3.57
N THR B 103 12.58 -12.43 -2.73
CA THR B 103 13.17 -13.37 -1.82
C THR B 103 14.03 -14.37 -2.58
N ILE B 104 13.49 -14.87 -3.69
CA ILE B 104 14.11 -15.92 -4.48
C ILE B 104 15.37 -15.41 -5.18
N ASN B 105 15.22 -14.32 -5.93
CA ASN B 105 16.39 -13.71 -6.51
C ASN B 105 17.44 -13.39 -5.46
N GLN B 106 17.02 -12.86 -4.32
CA GLN B 106 18.00 -12.35 -3.42
C GLN B 106 18.72 -13.58 -2.88
N PHE B 107 17.93 -14.61 -2.51
CA PHE B 107 18.45 -15.76 -1.74
C PHE B 107 19.41 -16.55 -2.60
N PHE B 108 19.07 -16.71 -3.87
CA PHE B 108 19.93 -17.34 -4.84
C PHE B 108 20.85 -16.45 -5.66
N SER B 109 20.89 -15.16 -5.36
CA SER B 109 21.75 -14.25 -6.16
C SER B 109 21.47 -14.38 -7.66
N LYS B 110 20.20 -14.38 -8.01
CA LYS B 110 19.79 -14.45 -9.38
C LYS B 110 19.05 -13.17 -9.74
N THR B 111 18.66 -13.12 -11.01
CA THR B 111 18.04 -11.98 -11.61
C THR B 111 16.84 -12.51 -12.43
N CYS B 112 16.22 -13.58 -11.92
CA CYS B 112 15.08 -14.22 -12.57
C CYS B 112 13.86 -13.34 -12.81
N SER B 113 13.25 -13.52 -13.98
CA SER B 113 11.91 -13.04 -14.23
C SER B 113 10.96 -14.08 -13.54
N PRO B 114 9.64 -13.78 -13.47
CA PRO B 114 8.65 -14.72 -12.89
C PRO B 114 8.74 -16.12 -13.46
N ASP B 115 8.53 -16.24 -14.77
CA ASP B 115 8.70 -17.55 -15.45
C ASP B 115 10.04 -18.23 -15.20
N GLU B 116 11.11 -17.48 -15.27
CA GLU B 116 12.41 -18.10 -15.03
C GLU B 116 12.50 -18.63 -13.60
N ALA B 117 11.82 -17.96 -12.70
CA ALA B 117 11.80 -18.32 -11.31
C ALA B 117 10.91 -19.56 -11.04
N ARG B 118 9.75 -19.64 -11.69
CA ARG B 118 9.00 -20.93 -11.77
C ARG B 118 9.92 -22.08 -12.23
N ALA B 119 10.67 -21.88 -13.30
CA ALA B 119 11.52 -22.95 -13.74
C ALA B 119 12.55 -23.28 -12.64
N LEU B 120 13.10 -22.25 -12.03
CA LEU B 120 14.17 -22.44 -11.10
C LEU B 120 13.63 -23.15 -9.90
N ILE B 121 12.39 -22.88 -9.51
CA ILE B 121 11.86 -23.52 -8.34
C ILE B 121 11.50 -24.97 -8.68
N ALA B 122 10.98 -25.21 -9.88
CA ALA B 122 10.67 -26.56 -10.27
C ALA B 122 11.93 -27.48 -10.34
N GLU B 123 13.12 -26.96 -10.64
CA GLU B 123 14.33 -27.82 -10.62
C GLU B 123 14.69 -28.16 -9.16
N LYS B 124 14.56 -27.17 -8.28
CA LYS B 124 14.96 -27.26 -6.88
C LYS B 124 14.04 -28.24 -6.13
N GLY B 125 12.80 -28.33 -6.59
CA GLY B 125 11.82 -29.22 -6.02
C GLY B 125 12.27 -30.67 -6.07
N ASP B 126 12.14 -31.34 -4.94
CA ASP B 126 12.51 -32.75 -4.85
C ASP B 126 11.34 -33.62 -5.28
N SER B 127 11.35 -34.04 -6.54
CA SER B 127 10.32 -34.93 -7.07
C SER B 127 10.81 -36.40 -6.99
N THR B 128 11.91 -36.59 -6.28
CA THR B 128 12.41 -37.90 -5.88
C THR B 128 11.59 -38.41 -4.68
N ILE B 129 10.30 -38.08 -4.70
CA ILE B 129 9.33 -38.55 -3.70
C ILE B 129 7.88 -38.22 -4.10
N ALA B 130 7.16 -39.27 -4.52
CA ALA B 130 5.86 -39.15 -5.21
C ALA B 130 4.67 -38.81 -4.31
N ASP B 131 4.55 -39.46 -3.17
CA ASP B 131 3.40 -39.23 -2.30
C ASP B 131 3.85 -38.63 -0.96
N PRO B 132 4.03 -37.28 -0.92
CA PRO B 132 4.61 -36.67 0.28
C PRO B 132 3.62 -36.76 1.42
N GLN B 133 4.10 -37.23 2.56
CA GLN B 133 3.26 -37.53 3.71
C GLN B 133 3.38 -36.46 4.79
N THR B 134 4.63 -36.09 5.09
CA THR B 134 4.93 -35.14 6.17
C THR B 134 4.95 -33.70 5.63
N PHE B 135 4.74 -32.73 6.53
CA PHE B 135 5.02 -31.32 6.21
C PHE B 135 6.42 -31.20 5.63
N GLU B 136 7.40 -31.84 6.27
CA GLU B 136 8.76 -31.85 5.72
C GLU B 136 8.78 -32.27 4.27
N GLU B 137 7.99 -33.27 3.91
CA GLU B 137 8.10 -33.68 2.54
C GLU B 137 7.19 -32.93 1.55
N GLN B 138 6.16 -32.26 2.03
CA GLN B 138 5.41 -31.45 1.10
C GLN B 138 6.21 -30.17 0.72
N ALA B 139 7.00 -29.64 1.67
CA ALA B 139 7.80 -28.44 1.42
C ALA B 139 8.93 -28.79 0.46
N LEU B 140 9.63 -29.87 0.81
CA LEU B 140 10.74 -30.37 0.00
C LEU B 140 10.31 -30.71 -1.42
N ARG B 141 9.07 -31.18 -1.59
CA ARG B 141 8.61 -31.41 -2.95
C ARG B 141 8.44 -30.09 -3.67
N PHE B 142 7.88 -29.12 -2.97
CA PHE B 142 7.49 -27.85 -3.54
C PHE B 142 8.67 -26.87 -3.87
N ILE B 143 9.56 -26.67 -2.91
CA ILE B 143 10.51 -25.56 -2.96
C ILE B 143 11.98 -25.94 -2.73
N GLY B 144 12.22 -27.22 -2.50
CA GLY B 144 13.60 -27.74 -2.44
C GLY B 144 14.25 -27.59 -1.09
N LYS B 145 15.39 -28.23 -0.92
CA LYS B 145 15.98 -28.33 0.39
C LYS B 145 16.33 -26.96 0.99
N GLU B 146 16.96 -26.11 0.20
CA GLU B 146 17.59 -24.90 0.73
C GLU B 146 16.60 -23.87 1.28
N LEU B 147 15.53 -23.65 0.54
CA LEU B 147 14.53 -22.70 0.98
C LEU B 147 13.78 -23.30 2.13
N TYR B 148 13.44 -24.59 2.05
CA TYR B 148 12.74 -25.25 3.12
C TYR B 148 13.52 -25.07 4.42
N GLU B 149 14.84 -25.18 4.33
CA GLU B 149 15.65 -25.16 5.53
C GLU B 149 15.91 -23.76 6.04
N ALA B 150 15.94 -22.80 5.10
CA ALA B 150 16.15 -21.41 5.44
C ALA B 150 14.92 -20.75 6.00
N PHE B 151 13.74 -20.96 5.38
CA PHE B 151 12.52 -20.19 5.74
C PHE B 151 11.42 -20.99 6.46
N PHE B 152 11.48 -22.32 6.42
CA PHE B 152 10.37 -23.10 6.94
C PHE B 152 10.66 -23.98 8.14
N LYS B 153 11.75 -24.74 8.07
CA LYS B 153 12.03 -25.80 9.03
C LYS B 153 12.22 -25.27 10.43
N GLY B 154 13.09 -24.27 10.58
CA GLY B 154 13.36 -23.63 11.86
C GLY B 154 12.18 -22.86 12.42
N TYR B 155 11.43 -22.19 11.53
CA TYR B 155 10.26 -21.43 11.92
C TYR B 155 9.19 -22.34 12.47
N THR B 156 8.88 -23.41 11.70
CA THR B 156 7.86 -24.36 12.09
C THR B 156 8.15 -25.00 13.45
N ILE B 157 9.35 -25.51 13.64
CA ILE B 157 9.75 -26.01 14.93
C ILE B 157 9.55 -25.02 16.07
N LYS B 158 9.84 -23.75 15.82
CA LYS B 158 9.71 -22.79 16.89
C LYS B 158 8.22 -22.48 17.16
N GLN B 159 7.42 -22.39 16.11
CA GLN B 159 6.04 -21.99 16.20
C GLN B 159 5.14 -23.16 16.71
N TRP B 160 5.42 -24.38 16.24
CA TRP B 160 4.56 -25.53 16.56
C TRP B 160 5.13 -26.48 17.61
N GLY B 161 6.43 -26.41 17.87
CA GLY B 161 7.03 -27.27 18.88
C GLY B 161 7.18 -28.68 18.35
N MET B 162 7.20 -28.84 17.04
CA MET B 162 7.52 -30.15 16.50
C MET B 162 8.21 -30.15 15.16
N GLN B 163 8.96 -31.22 14.92
CA GLN B 163 9.64 -31.39 13.66
C GLN B 163 8.58 -31.42 12.58
N PRO B 164 8.84 -30.81 11.43
CA PRO B 164 7.93 -30.86 10.30
C PRO B 164 7.78 -32.26 9.71
N SER B 165 8.74 -33.14 10.02
CA SER B 165 8.63 -34.56 9.72
C SER B 165 7.49 -35.15 10.52
N GLU B 166 7.34 -34.73 11.78
CA GLU B 166 6.25 -35.19 12.64
C GLU B 166 4.89 -34.60 12.26
N LEU B 167 4.86 -33.63 11.33
CA LEU B 167 3.60 -32.97 10.99
C LEU B 167 3.12 -33.42 9.63
N PRO B 168 1.80 -33.29 9.35
CA PRO B 168 1.17 -33.76 8.12
C PRO B 168 1.34 -32.85 6.89
N ALA B 169 1.36 -33.43 5.69
CA ALA B 169 1.46 -32.69 4.43
C ALA B 169 0.26 -31.74 4.17
N SER B 170 -0.88 -32.04 4.79
CA SER B 170 -2.10 -31.24 4.74
C SER B 170 -1.94 -29.74 5.08
N ILE B 171 -0.89 -29.42 5.83
CA ILE B 171 -0.70 -28.06 6.34
C ILE B 171 -0.35 -27.05 5.24
N LEU B 172 0.36 -27.56 4.22
CA LEU B 172 0.80 -26.76 3.09
C LEU B 172 0.11 -27.23 1.81
N LYS B 173 -1.09 -26.67 1.60
CA LYS B 173 -1.92 -27.01 0.45
C LYS B 173 -1.31 -26.45 -0.85
N ARG B 174 -0.74 -25.24 -0.75
CA ARG B 174 -0.23 -24.53 -1.90
C ARG B 174 1.28 -24.29 -1.80
N LEU B 175 1.95 -24.47 -2.94
CA LEU B 175 3.35 -24.08 -3.14
C LEU B 175 3.55 -22.64 -2.64
N PRO B 176 4.33 -22.43 -1.57
CA PRO B 176 4.37 -21.12 -0.91
C PRO B 176 5.35 -20.13 -1.58
N VAL B 177 5.16 -19.87 -2.88
CA VAL B 177 5.93 -18.88 -3.58
C VAL B 177 5.01 -17.96 -4.37
N ARG B 178 5.27 -16.66 -4.31
CA ARG B 178 4.60 -15.67 -5.16
C ARG B 178 5.56 -15.28 -6.27
N PHE B 179 5.14 -15.43 -7.51
CA PHE B 179 6.09 -15.20 -8.60
C PHE B 179 5.94 -13.78 -9.15
N ASN B 180 5.85 -12.82 -8.25
CA ASN B 180 5.91 -11.42 -8.61
C ASN B 180 6.55 -10.66 -7.43
N TYR B 181 6.71 -9.35 -7.55
CA TYR B 181 7.35 -8.58 -6.49
C TYR B 181 6.40 -7.97 -5.44
N ASP B 182 5.19 -8.48 -5.34
CA ASP B 182 4.23 -7.97 -4.35
C ASP B 182 4.66 -8.57 -3.01
N ASP B 183 5.05 -7.71 -2.09
CA ASP B 183 5.42 -8.15 -0.75
C ASP B 183 4.38 -7.75 0.33
N ASN B 184 3.17 -7.37 -0.06
CA ASN B 184 2.08 -7.33 0.90
C ASN B 184 1.71 -8.70 1.41
N TYR B 185 1.81 -8.87 2.72
CA TYR B 185 1.43 -10.11 3.37
C TYR B 185 0.02 -10.58 3.04
N PHE B 186 -0.90 -9.64 2.83
CA PHE B 186 -2.31 -9.98 2.62
C PHE B 186 -2.87 -9.64 1.23
N ASN B 187 -3.76 -10.48 0.70
CA ASN B 187 -4.32 -10.25 -0.64
C ASN B 187 -5.67 -9.57 -0.63
N HIS B 188 -6.17 -9.25 0.55
CA HIS B 188 -7.53 -8.82 0.69
C HIS B 188 -7.74 -7.44 0.15
N LYS B 189 -8.96 -7.21 -0.33
CA LYS B 189 -9.35 -5.92 -0.81
C LYS B 189 -9.16 -4.81 0.24
N PHE B 190 -9.59 -5.05 1.49
CA PHE B 190 -9.59 -3.97 2.49
C PHE B 190 -8.57 -4.27 3.58
N GLN B 191 -7.74 -3.27 3.89
CA GLN B 191 -6.72 -3.40 4.89
C GLN B 191 -6.46 -2.11 5.59
N GLY B 192 -6.30 -2.13 6.89
CA GLY B 192 -6.03 -0.90 7.61
C GLY B 192 -5.91 -1.06 9.11
N MET B 193 -5.77 0.04 9.80
CA MET B 193 -5.49 0.02 11.18
C MET B 193 -6.36 1.09 11.73
N PRO B 194 -7.05 0.79 12.82
CA PRO B 194 -8.00 1.71 13.42
C PRO B 194 -7.21 2.84 14.06
N LYS B 195 -7.53 4.09 13.70
CA LYS B 195 -6.69 5.24 14.02
C LYS B 195 -6.52 5.35 15.51
N CYS B 196 -7.60 5.14 16.24
CA CYS B 196 -7.56 5.20 17.69
C CYS B 196 -7.54 3.79 18.32
N GLY B 197 -7.29 2.79 17.50
CA GLY B 197 -7.07 1.43 18.03
C GLY B 197 -8.32 0.61 18.22
N TYR B 198 -8.14 -0.71 18.33
CA TYR B 198 -9.27 -1.61 18.55
C TYR B 198 -10.02 -1.43 19.90
N THR B 199 -9.32 -1.12 20.97
CA THR B 199 -10.02 -0.95 22.22
C THR B 199 -11.11 0.12 22.07
N GLN B 200 -10.78 1.23 21.40
CA GLN B 200 -11.75 2.32 21.17
C GLN B 200 -12.83 1.89 20.21
N MET B 201 -12.50 1.06 19.24
CA MET B 201 -13.46 0.65 18.30
C MET B 201 -14.46 -0.22 19.03
N ILE B 202 -13.97 -1.13 19.87
CA ILE B 202 -14.87 -2.07 20.54
C ILE B 202 -15.67 -1.33 21.62
N LYS B 203 -15.01 -0.42 22.33
CA LYS B 203 -15.73 0.53 23.18
C LYS B 203 -16.90 1.18 22.43
N SER B 204 -16.64 1.66 21.23
CA SER B 204 -17.72 2.28 20.48
C SER B 204 -18.82 1.27 20.26
N ILE B 205 -18.47 0.09 19.76
CA ILE B 205 -19.48 -0.96 19.53
C ILE B 205 -20.28 -1.23 20.82
N LEU B 206 -19.62 -1.07 21.96
CA LEU B 206 -20.25 -1.42 23.21
C LEU B 206 -21.15 -0.31 23.74
N ASN B 207 -21.10 0.84 23.09
CA ASN B 207 -21.77 2.02 23.58
C ASN B 207 -23.25 2.07 23.15
N HIS B 208 -24.11 1.44 23.95
CA HIS B 208 -25.52 1.48 23.71
C HIS B 208 -26.15 1.39 25.05
N GLU B 209 -27.31 2.00 25.18
CA GLU B 209 -28.10 2.06 26.41
C GLU B 209 -28.46 0.65 26.96
N ASN B 210 -28.72 -0.29 26.04
CA ASN B 210 -29.15 -1.62 26.43
C ASN B 210 -28.00 -2.59 26.72
N ILE B 211 -26.74 -2.13 26.64
CA ILE B 211 -25.61 -2.98 27.00
C ILE B 211 -25.01 -2.58 28.33
N LYS B 212 -24.99 -3.51 29.26
CA LYS B 212 -24.19 -3.31 30.44
C LYS B 212 -22.99 -4.29 30.46
N VAL B 213 -21.81 -3.71 30.70
CA VAL B 213 -20.56 -4.44 30.80
C VAL B 213 -20.07 -4.56 32.27
N ASP B 214 -19.71 -5.76 32.69
CA ASP B 214 -18.99 -5.96 33.93
C ASP B 214 -17.68 -6.71 33.72
N LEU B 215 -16.61 -6.11 34.19
CA LEU B 215 -15.28 -6.62 34.05
C LEU B 215 -14.88 -7.40 35.31
N GLN B 216 -13.72 -8.08 35.26
CA GLN B 216 -13.20 -8.78 36.41
C GLN B 216 -14.24 -9.79 36.89
N ARG B 217 -14.98 -10.36 35.94
CA ARG B 217 -16.19 -11.08 36.24
C ARG B 217 -16.25 -12.43 35.48
N GLU B 218 -16.10 -13.52 36.22
CA GLU B 218 -16.14 -14.87 35.64
C GLU B 218 -17.58 -15.33 35.41
N PHE B 219 -17.77 -16.12 34.35
CA PHE B 219 -19.04 -16.80 34.14
C PHE B 219 -19.20 -17.90 35.15
N ILE B 220 -20.42 -18.08 35.63
CA ILE B 220 -20.75 -19.10 36.62
C ILE B 220 -21.96 -19.77 36.04
N VAL B 221 -21.98 -21.09 35.94
CA VAL B 221 -23.11 -21.77 35.27
C VAL B 221 -24.42 -21.42 35.93
N ASP B 222 -24.39 -21.22 37.24
CA ASP B 222 -25.60 -20.96 38.04
C ASP B 222 -26.40 -19.73 37.53
N GLU B 223 -25.69 -18.82 36.84
CA GLU B 223 -26.28 -17.60 36.28
C GLU B 223 -27.19 -17.91 35.14
N ARG B 224 -26.96 -19.02 34.42
CA ARG B 224 -27.70 -19.29 33.17
C ARG B 224 -29.17 -18.98 33.31
N THR B 225 -29.74 -19.35 34.46
CA THR B 225 -31.20 -19.34 34.57
C THR B 225 -31.80 -17.94 34.73
N HIS B 226 -30.97 -16.90 34.81
CA HIS B 226 -31.53 -15.56 34.86
C HIS B 226 -31.74 -14.95 33.49
N TYR B 227 -31.53 -15.73 32.43
CA TYR B 227 -31.54 -15.19 31.07
C TYR B 227 -32.34 -16.01 30.10
N ASP B 228 -32.93 -15.35 29.09
CA ASP B 228 -33.58 -16.04 28.00
C ASP B 228 -32.56 -16.73 27.05
N HIS B 229 -31.40 -16.08 26.85
CA HIS B 229 -30.36 -16.70 26.04
C HIS B 229 -28.96 -16.35 26.48
N VAL B 230 -28.00 -17.24 26.20
CA VAL B 230 -26.57 -17.04 26.47
C VAL B 230 -25.72 -17.26 25.21
N PHE B 231 -24.91 -16.25 24.87
CA PHE B 231 -23.85 -16.40 23.86
C PHE B 231 -22.51 -16.50 24.60
N TYR B 232 -21.78 -17.57 24.33
CA TYR B 232 -20.57 -17.87 25.13
C TYR B 232 -19.38 -17.85 24.20
N SER B 233 -18.45 -16.94 24.46
CA SER B 233 -17.31 -16.91 23.61
C SER B 233 -16.05 -17.26 24.42
N GLY B 234 -16.24 -17.82 25.60
CA GLY B 234 -15.16 -18.54 26.24
C GLY B 234 -14.84 -19.93 25.66
N PRO B 235 -13.75 -20.53 26.11
CA PRO B 235 -13.31 -21.86 25.65
C PRO B 235 -14.35 -22.98 25.88
N LEU B 236 -14.61 -23.74 24.82
CA LEU B 236 -15.69 -24.73 24.84
C LEU B 236 -15.40 -25.77 25.95
N ASP B 237 -14.18 -26.30 25.95
CA ASP B 237 -13.72 -27.23 27.02
C ASP B 237 -13.92 -26.74 28.43
N ALA B 238 -13.59 -25.50 28.71
CA ALA B 238 -13.77 -24.91 30.04
C ALA B 238 -15.21 -24.85 30.44
N PHE B 239 -16.09 -24.46 29.53
CA PHE B 239 -17.50 -24.51 29.84
C PHE B 239 -17.90 -25.86 30.46
N TYR B 240 -17.29 -26.95 29.97
CA TYR B 240 -17.66 -28.26 30.46
C TYR B 240 -16.69 -28.82 31.49
N GLY B 241 -16.10 -27.93 32.26
CA GLY B 241 -15.20 -28.31 33.32
C GLY B 241 -13.97 -29.07 32.84
N TYR B 242 -13.64 -28.96 31.54
CA TYR B 242 -12.55 -29.75 30.96
C TYR B 242 -12.73 -31.24 31.26
N GLN B 243 -13.95 -31.68 31.46
CA GLN B 243 -14.17 -33.08 31.87
C GLN B 243 -13.49 -34.18 31.00
N TYR B 244 -13.28 -33.91 29.72
CA TYR B 244 -12.63 -34.89 28.87
C TYR B 244 -11.19 -34.53 28.61
N GLY B 245 -10.68 -33.48 29.26
CA GLY B 245 -9.32 -32.98 28.95
C GLY B 245 -9.29 -31.61 28.28
N ARG B 246 -8.13 -30.94 28.31
CA ARG B 246 -7.93 -29.55 27.83
C ARG B 246 -7.51 -29.53 26.38
N LEU B 247 -8.20 -28.72 25.55
CA LEU B 247 -7.94 -28.66 24.11
C LEU B 247 -6.58 -28.04 23.85
N GLY B 248 -5.83 -28.53 22.88
CA GLY B 248 -4.44 -28.13 22.73
C GLY B 248 -4.27 -26.76 22.06
N TYR B 249 -3.41 -25.92 22.65
CA TYR B 249 -3.00 -24.65 22.05
C TYR B 249 -1.50 -24.46 22.20
N ARG B 250 -0.97 -23.55 21.38
CA ARG B 250 0.36 -22.97 21.56
C ARG B 250 0.07 -21.68 22.31
N THR B 251 1.02 -21.24 23.13
CA THR B 251 0.89 -19.95 23.78
C THR B 251 2.11 -19.09 23.40
N LEU B 252 2.06 -17.79 23.66
CA LEU B 252 3.15 -16.86 23.31
C LEU B 252 3.45 -16.06 24.54
N ASP B 253 4.73 -15.77 24.75
CA ASP B 253 5.19 -14.92 25.79
C ASP B 253 5.76 -13.73 25.06
N PHE B 254 5.58 -12.56 25.64
CA PHE B 254 6.08 -11.32 25.07
C PHE B 254 7.06 -10.69 26.04
N LYS B 255 8.28 -10.51 25.58
CA LYS B 255 9.23 -9.79 26.39
C LYS B 255 9.25 -8.38 25.83
N LYS B 256 8.67 -7.46 26.61
CA LYS B 256 8.66 -6.07 26.29
C LYS B 256 9.97 -5.39 26.59
N PHE B 257 10.43 -4.56 25.66
CA PHE B 257 11.46 -3.60 25.95
C PHE B 257 11.21 -2.23 25.24
N ILE B 258 11.94 -1.22 25.69
CA ILE B 258 11.74 0.09 25.16
C ILE B 258 13.05 0.54 24.57
N TYR B 259 12.98 0.91 23.29
CA TYR B 259 14.12 1.42 22.55
C TYR B 259 13.88 2.86 22.24
N GLN B 260 14.96 3.60 22.33
CA GLN B 260 14.94 5.04 22.27
C GLN B 260 15.38 5.41 20.81
N GLY B 261 14.43 5.57 19.91
CA GLY B 261 14.74 5.55 18.49
C GLY B 261 13.91 4.52 17.70
N ASP B 262 14.55 3.94 16.70
CA ASP B 262 13.93 3.11 15.73
C ASP B 262 14.64 1.80 15.76
N TYR B 263 14.04 0.82 16.44
CA TYR B 263 14.75 -0.35 16.86
C TYR B 263 15.08 -1.30 15.69
N GLN B 264 14.16 -1.45 14.74
CA GLN B 264 14.37 -2.38 13.63
C GLN B 264 13.86 -1.88 12.26
N GLY B 265 13.00 -0.87 12.27
CA GLY B 265 12.55 -0.18 11.04
C GLY B 265 11.42 -0.79 10.26
N CYS B 266 10.62 -1.63 10.93
CA CYS B 266 9.42 -2.21 10.37
C CYS B 266 8.64 -2.78 11.54
N ALA B 267 7.39 -3.13 11.30
CA ALA B 267 6.45 -3.68 12.28
C ALA B 267 6.81 -5.08 12.79
N VAL B 268 7.23 -5.96 11.87
CA VAL B 268 7.47 -7.35 12.21
C VAL B 268 8.70 -7.86 11.52
N MET B 269 9.64 -8.34 12.32
CA MET B 269 10.79 -8.97 11.82
C MET B 269 10.77 -10.41 12.31
N ASN B 270 10.40 -11.35 11.43
CA ASN B 270 10.61 -12.80 11.73
C ASN B 270 12.08 -13.15 11.80
N TYR B 271 12.38 -14.13 12.65
CA TYR B 271 13.69 -14.77 12.76
C TYR B 271 13.56 -16.28 12.47
N CYS B 272 13.92 -16.69 11.26
CA CYS B 272 13.67 -18.09 10.83
C CYS B 272 14.51 -19.20 11.47
N SER B 273 15.65 -18.84 12.06
CA SER B 273 16.59 -19.80 12.59
C SER B 273 16.11 -20.41 13.91
N VAL B 274 16.30 -21.72 14.09
CA VAL B 274 16.01 -22.34 15.40
C VAL B 274 16.91 -21.80 16.46
N ASP B 275 18.11 -21.34 16.10
CA ASP B 275 19.02 -20.96 17.17
C ASP B 275 18.70 -19.59 17.72
N VAL B 276 17.65 -18.95 17.18
CA VAL B 276 17.16 -17.72 17.80
C VAL B 276 15.91 -18.06 18.57
N PRO B 277 15.91 -17.84 19.90
CA PRO B 277 14.86 -18.45 20.70
C PRO B 277 13.52 -17.75 20.51
N TYR B 278 13.52 -16.46 20.20
CA TYR B 278 12.27 -15.82 19.81
C TYR B 278 11.85 -16.14 18.36
N THR B 279 10.56 -16.05 18.17
CA THR B 279 9.97 -16.27 16.88
C THR B 279 10.07 -14.99 16.02
N ARG B 280 9.83 -13.85 16.65
CA ARG B 280 9.82 -12.61 15.92
C ARG B 280 9.86 -11.37 16.83
N ILE B 281 10.21 -10.24 16.25
CA ILE B 281 10.14 -9.00 17.00
C ILE B 281 9.20 -8.08 16.28
N THR B 282 8.32 -7.50 17.07
CA THR B 282 7.37 -6.56 16.60
C THR B 282 7.73 -5.21 17.21
N GLU B 283 7.72 -4.17 16.40
CA GLU B 283 7.98 -2.84 16.92
C GLU B 283 6.68 -2.11 16.74
N HIS B 284 5.95 -1.88 17.82
CA HIS B 284 4.54 -1.58 17.68
C HIS B 284 4.21 -0.27 17.02
N LYS B 285 5.13 0.70 17.09
CA LYS B 285 4.83 2.02 16.53
C LYS B 285 4.70 1.95 15.02
N TYR B 286 5.33 0.94 14.41
CA TYR B 286 5.20 0.72 12.99
C TYR B 286 3.78 0.38 12.54
N PHE B 287 2.89 0.01 13.46
CA PHE B 287 1.48 -0.14 13.10
C PHE B 287 0.74 1.18 13.05
N SER B 288 1.31 2.24 13.59
CA SER B 288 0.66 3.52 13.50
C SER B 288 1.53 4.51 12.77
N PRO B 289 1.73 4.31 11.44
CA PRO B 289 2.69 5.16 10.70
C PRO B 289 2.26 6.63 10.54
N TRP B 290 0.99 6.96 10.75
CA TRP B 290 0.56 8.36 10.76
C TRP B 290 0.95 9.06 12.06
N GLU B 291 1.62 8.37 12.98
CA GLU B 291 2.03 8.99 14.28
C GLU B 291 3.54 8.95 14.35
N GLN B 292 4.17 9.85 15.09
CA GLN B 292 5.62 9.68 15.31
C GLN B 292 5.95 9.65 16.75
N HIS B 293 6.89 8.78 17.08
CA HIS B 293 7.31 8.58 18.44
C HIS B 293 8.81 8.35 18.44
N ASP B 294 9.48 9.02 19.36
CA ASP B 294 10.90 8.91 19.49
C ASP B 294 11.23 7.67 20.25
N GLY B 295 10.43 7.38 21.29
CA GLY B 295 10.55 6.15 22.03
C GLY B 295 9.69 5.05 21.38
N SER B 296 10.25 3.85 21.27
CA SER B 296 9.59 2.74 20.62
C SER B 296 9.34 1.59 21.63
N VAL B 297 8.14 1.02 21.68
CA VAL B 297 7.91 -0.23 22.44
C VAL B 297 8.11 -1.44 21.53
N CYS B 298 8.91 -2.41 21.94
CA CYS B 298 9.07 -3.66 21.17
C CYS B 298 8.74 -4.89 22.02
N TYR B 299 8.55 -5.99 21.32
CA TYR B 299 8.23 -7.29 21.91
C TYR B 299 9.09 -8.33 21.28
N LYS B 300 9.84 -9.06 22.10
CA LYS B 300 10.36 -10.37 21.64
C LYS B 300 9.24 -11.38 21.92
N GLU B 301 9.03 -12.28 20.97
CA GLU B 301 7.87 -13.17 21.00
C GLU B 301 8.34 -14.62 21.07
N TYR B 302 7.91 -15.33 22.11
CA TYR B 302 8.27 -16.75 22.24
C TYR B 302 7.04 -17.60 22.23
N SER B 303 7.11 -18.68 21.47
CA SER B 303 6.07 -19.69 21.34
C SER B 303 6.41 -20.89 22.25
N ARG B 304 5.41 -21.39 22.98
CA ARG B 304 5.52 -22.56 23.91
C ARG B 304 4.26 -23.39 23.80
N ALA B 305 4.28 -24.57 24.39
CA ALA B 305 3.06 -25.36 24.59
C ALA B 305 2.21 -24.65 25.61
N CYS B 306 0.90 -24.56 25.36
CA CYS B 306 -0.01 -23.87 26.25
C CYS B 306 -0.40 -24.71 27.45
N GLU B 307 -0.20 -24.15 28.63
CA GLU B 307 -0.42 -24.84 29.90
C GLU B 307 -1.51 -24.07 30.65
N GLU B 308 -1.98 -24.66 31.74
CA GLU B 308 -3.19 -24.23 32.46
C GLU B 308 -3.29 -22.76 32.85
N ASN B 309 -2.17 -22.12 33.14
CA ASN B 309 -2.20 -20.73 33.59
C ASN B 309 -1.99 -19.68 32.46
N ASP B 310 -1.69 -20.17 31.24
CA ASP B 310 -1.35 -19.34 30.07
C ASP B 310 -2.57 -18.93 29.25
N ILE B 311 -2.51 -17.80 28.57
CA ILE B 311 -3.53 -17.44 27.59
C ILE B 311 -3.37 -18.33 26.35
N PRO B 312 -4.46 -18.93 25.83
CA PRO B 312 -4.33 -19.74 24.61
C PRO B 312 -4.37 -18.88 23.35
N TYR B 313 -3.49 -19.18 22.41
CA TYR B 313 -3.37 -18.43 21.16
C TYR B 313 -3.76 -19.24 19.96
N TYR B 314 -2.85 -20.08 19.48
CA TYR B 314 -3.06 -20.88 18.29
C TYR B 314 -3.59 -22.25 18.65
N PRO B 315 -4.73 -22.61 18.07
CA PRO B 315 -5.24 -23.96 18.34
C PRO B 315 -4.44 -25.01 17.53
N ILE B 316 -4.14 -26.15 18.15
CA ILE B 316 -3.25 -27.13 17.52
C ILE B 316 -3.98 -27.93 16.44
N ARG B 317 -5.16 -28.44 16.78
CA ARG B 317 -6.08 -28.99 15.80
C ARG B 317 -5.44 -30.10 14.97
N GLN B 318 -4.71 -31.00 15.65
CA GLN B 318 -4.25 -32.28 15.09
C GLN B 318 -5.19 -33.42 15.56
N MET B 319 -4.87 -34.68 15.26
CA MET B 319 -5.86 -35.75 15.47
C MET B 319 -6.39 -35.82 16.91
N GLY B 320 -5.50 -35.78 17.89
CA GLY B 320 -5.93 -35.85 19.29
C GLY B 320 -6.88 -34.73 19.73
N GLU B 321 -6.55 -33.50 19.31
CA GLU B 321 -7.35 -32.31 19.64
C GLU B 321 -8.68 -32.31 18.94
N MET B 322 -8.68 -32.79 17.69
CA MET B 322 -9.91 -32.91 16.90
C MET B 322 -10.86 -33.98 17.47
N ALA B 323 -10.30 -35.07 18.00
CA ALA B 323 -11.14 -36.11 18.61
C ALA B 323 -11.68 -35.59 19.95
N LEU B 324 -10.82 -34.88 20.67
CA LEU B 324 -11.28 -34.26 21.89
C LEU B 324 -12.43 -33.26 21.61
N LEU B 325 -12.32 -32.46 20.54
CA LEU B 325 -13.34 -31.46 20.28
C LEU B 325 -14.73 -32.08 20.05
N GLU B 326 -14.76 -33.15 19.25
CA GLU B 326 -15.99 -33.92 19.01
C GLU B 326 -16.78 -34.29 20.26
N LYS B 327 -16.09 -34.63 21.33
CA LYS B 327 -16.75 -35.04 22.57
C LYS B 327 -17.41 -33.84 23.22
N TYR B 328 -16.83 -32.66 22.99
CA TYR B 328 -17.38 -31.47 23.58
C TYR B 328 -18.53 -31.01 22.71
N LEU B 329 -18.34 -31.13 21.39
CA LEU B 329 -19.45 -30.89 20.47
C LEU B 329 -20.70 -31.70 20.84
N SER B 330 -20.57 -33.01 21.07
CA SER B 330 -21.75 -33.81 21.44
C SER B 330 -22.39 -33.29 22.73
N LEU B 331 -21.57 -32.86 23.67
CA LEU B 331 -22.16 -32.23 24.83
C LEU B 331 -22.93 -30.96 24.42
N ALA B 332 -22.28 -30.11 23.65
CA ALA B 332 -22.86 -28.84 23.26
C ALA B 332 -24.19 -29.01 22.51
N GLU B 333 -24.28 -30.01 21.64
CA GLU B 333 -25.44 -30.15 20.82
C GLU B 333 -26.70 -30.48 21.62
N ASN B 334 -26.57 -30.84 22.89
CA ASN B 334 -27.69 -31.21 23.73
C ASN B 334 -28.05 -30.11 24.68
N GLU B 335 -27.56 -28.92 24.38
CA GLU B 335 -27.71 -27.79 25.26
C GLU B 335 -28.92 -26.93 24.88
N THR B 336 -29.37 -26.06 25.77
CA THR B 336 -30.58 -25.35 25.42
C THR B 336 -30.64 -23.81 25.36
N ASN B 337 -30.19 -23.06 26.31
CA ASN B 337 -30.44 -21.63 25.91
C ASN B 337 -29.13 -20.93 25.64
N ILE B 338 -28.33 -21.51 24.75
CA ILE B 338 -26.95 -21.11 24.63
C ILE B 338 -26.43 -21.31 23.22
N THR B 339 -25.59 -20.38 22.78
CA THR B 339 -24.91 -20.49 21.50
C THR B 339 -23.42 -20.25 21.77
N PHE B 340 -22.57 -21.14 21.29
CA PHE B 340 -21.11 -20.98 21.43
C PHE B 340 -20.55 -20.36 20.16
N VAL B 341 -19.66 -19.38 20.32
CA VAL B 341 -19.13 -18.56 19.20
C VAL B 341 -17.65 -18.29 19.43
N GLY B 342 -16.94 -17.89 18.39
CA GLY B 342 -15.61 -17.37 18.58
C GLY B 342 -14.53 -18.43 18.51
N ARG B 343 -13.31 -17.95 18.28
CA ARG B 343 -12.10 -18.76 18.24
C ARG B 343 -12.06 -19.77 19.38
N LEU B 344 -12.51 -19.34 20.56
CA LEU B 344 -12.37 -20.12 21.78
C LEU B 344 -13.57 -21.01 21.98
N GLY B 345 -14.76 -20.49 21.63
CA GLY B 345 -16.00 -21.27 21.79
C GLY B 345 -16.16 -22.39 20.78
N THR B 346 -15.42 -22.33 19.68
CA THR B 346 -15.56 -23.31 18.63
C THR B 346 -14.23 -23.91 18.26
N TYR B 347 -13.19 -23.58 19.02
CA TYR B 347 -11.88 -24.20 18.74
C TYR B 347 -11.33 -23.96 17.30
N ARG B 348 -11.44 -22.73 16.83
CA ARG B 348 -10.87 -22.35 15.52
C ARG B 348 -10.08 -21.09 15.61
N TYR B 349 -9.16 -20.93 14.68
CA TYR B 349 -8.47 -19.66 14.48
C TYR B 349 -9.34 -18.82 13.57
N LEU B 350 -9.71 -17.64 14.05
CA LEU B 350 -10.57 -16.73 13.29
C LEU B 350 -9.96 -15.34 13.22
N ASP B 351 -9.76 -14.81 12.01
CA ASP B 351 -9.39 -13.42 11.94
C ASP B 351 -10.53 -12.51 12.43
N MET B 352 -10.16 -11.29 12.76
CA MET B 352 -11.10 -10.26 13.21
C MET B 352 -12.28 -10.09 12.26
N ASP B 353 -12.00 -10.06 10.98
CA ASP B 353 -13.04 -9.76 10.04
C ASP B 353 -14.06 -10.89 9.97
N VAL B 354 -13.56 -12.11 10.03
CA VAL B 354 -14.37 -13.32 10.05
C VAL B 354 -15.19 -13.45 11.33
N THR B 355 -14.59 -13.06 12.46
CA THR B 355 -15.25 -13.03 13.74
C THR B 355 -16.39 -12.05 13.70
N ILE B 356 -16.14 -10.90 13.12
CA ILE B 356 -17.23 -9.94 13.04
C ILE B 356 -18.36 -10.46 12.14
N ALA B 357 -18.02 -11.04 10.99
CA ALA B 357 -19.02 -11.55 10.07
C ALA B 357 -19.82 -12.64 10.77
N GLU B 358 -19.13 -13.49 11.51
CA GLU B 358 -19.84 -14.54 12.24
C GLU B 358 -20.75 -14.00 13.34
N ALA B 359 -20.31 -12.96 14.05
CA ALA B 359 -21.15 -12.40 15.08
C ALA B 359 -22.41 -11.73 14.52
N LEU B 360 -22.29 -10.99 13.42
CA LEU B 360 -23.46 -10.35 12.83
C LEU B 360 -24.49 -11.38 12.39
N LYS B 361 -24.02 -12.48 11.84
CA LYS B 361 -24.86 -13.54 11.36
C LYS B 361 -25.60 -14.24 12.52
N THR B 362 -24.86 -14.43 13.61
CA THR B 362 -25.34 -15.11 14.80
C THR B 362 -26.44 -14.29 15.36
N ALA B 363 -26.25 -12.99 15.47
CA ALA B 363 -27.33 -12.09 15.92
C ALA B 363 -28.55 -12.19 15.02
N GLU B 364 -28.31 -12.09 13.71
CA GLU B 364 -29.35 -12.15 12.71
C GLU B 364 -30.16 -13.45 12.92
N VAL B 365 -29.49 -14.60 12.99
CA VAL B 365 -30.17 -15.88 13.21
C VAL B 365 -30.99 -15.87 14.51
N TYR B 366 -30.46 -15.30 15.59
CA TYR B 366 -31.20 -15.24 16.84
C TYR B 366 -32.45 -14.40 16.67
N LEU B 367 -32.30 -13.24 16.04
CA LEU B 367 -33.39 -12.31 15.82
C LEU B 367 -34.45 -12.97 14.99
N ASN B 368 -34.05 -13.58 13.89
CA ASN B 368 -34.99 -14.35 13.09
C ASN B 368 -35.62 -15.49 13.91
N SER B 369 -34.89 -16.04 14.88
CA SER B 369 -35.44 -17.13 15.69
C SER B 369 -36.61 -16.63 16.54
N LEU B 370 -36.54 -15.41 17.04
CA LEU B 370 -37.63 -14.80 17.83
C LEU B 370 -38.88 -14.50 17.00
N THR B 371 -38.68 -13.89 15.84
CA THR B 371 -39.81 -13.59 14.98
C THR B 371 -40.45 -14.85 14.40
N ASP B 372 -39.67 -15.79 13.90
CA ASP B 372 -40.26 -16.98 13.34
C ASP B 372 -40.77 -18.00 14.39
N ASN B 373 -40.63 -17.69 15.67
CA ASN B 373 -40.80 -18.68 16.79
C ASN B 373 -40.09 -20.03 16.62
N GLN B 374 -38.79 -19.97 16.41
CA GLN B 374 -38.02 -21.17 16.18
C GLN B 374 -36.86 -21.26 17.18
N PRO B 375 -36.30 -22.46 17.33
CA PRO B 375 -35.21 -22.71 18.28
C PRO B 375 -33.97 -21.99 17.80
N MET B 376 -33.19 -21.39 18.70
CA MET B 376 -31.90 -20.82 18.33
C MET B 376 -30.88 -21.93 18.29
N PRO B 377 -30.16 -22.14 17.17
CA PRO B 377 -29.15 -23.22 17.17
C PRO B 377 -27.99 -22.93 18.13
N VAL B 378 -27.25 -23.98 18.51
CA VAL B 378 -26.19 -23.87 19.51
C VAL B 378 -24.91 -23.44 18.84
N PHE B 379 -24.79 -23.80 17.57
CA PHE B 379 -23.77 -23.24 16.70
C PHE B 379 -24.37 -22.60 15.46
N THR B 380 -23.83 -21.44 15.07
CA THR B 380 -24.35 -20.79 13.85
C THR B 380 -23.48 -21.00 12.63
N VAL B 381 -22.35 -21.66 12.83
CA VAL B 381 -21.48 -22.02 11.73
C VAL B 381 -21.22 -23.53 11.78
N SER B 382 -20.59 -24.05 10.74
CA SER B 382 -20.21 -25.47 10.74
C SER B 382 -19.09 -25.75 11.76
N VAL B 383 -19.22 -26.82 12.53
CA VAL B 383 -18.25 -27.10 13.58
C VAL B 383 -17.56 -28.47 13.55
N GLY B 384 -18.24 -29.47 12.98
CA GLY B 384 -17.66 -30.81 12.81
C GLY B 384 -16.20 -30.90 12.33
#